data_4JZB
#
_entry.id   4JZB
#
_cell.length_a   80.361
_cell.length_b   85.967
_cell.length_c   107.074
_cell.angle_alpha   90.000
_cell.angle_beta   90.000
_cell.angle_gamma   90.000
#
_symmetry.space_group_name_H-M   'P 21 21 21'
#
loop_
_entity.id
_entity.type
_entity.pdbx_description
1 polymer 'Farnesyl pyrophosphate synthase'
2 non-polymer 'CALCIUM ION'
3 non-polymer '3-METHYLBUT-3-ENYL TRIHYDROGEN DIPHOSPHATE'
4 non-polymer 1-(2-hydroxy-2,2-diphosphonoethyl)-3-phenylpyridinium
5 non-polymer 'SODIUM ION'
6 water water
#
_entity_poly.entity_id   1
_entity_poly.type   'polypeptide(L)'
_entity_poly.pdbx_seq_one_letter_code
;(FME)AHMERFQKVYEEVQEFLLGDAEKRFEMDVHRKGYLKSMMDTTCLGGKYNRGLCVVDVAEAMAKDTQMDAAAMERV
LHDACVCGWMIEMLQAHFLVEDDIMDHSKTRRGKPCWYLHPGVTAQVAINDGLILLAWATQMALHYFADRPFLAEVLRVF
HDVDLTTTIGQLYDVTSMVDSAKLDAKVAHANTTDYVEYTPFNHRRIVVYKTAYYTYWLPLVMGLLVSGTLEKVDKKATH
KVAMVMGEYFQVQDDVMDCFTPPEKLGKIGTDIEDAKCSWLAVTFLTTAPAEKVAEFKANYGSTDPAAVAVIKQLYTEQN
LLARFEEYEKAVVAEVEQLIAALEAQNAAFAASVKVLWSKTYKRQK
;
_entity_poly.pdbx_strand_id   A,B
#
loop_
_chem_comp.id
_chem_comp.type
_chem_comp.name
_chem_comp.formula
CA non-polymer 'CALCIUM ION' 'Ca 2'
IPE non-polymer '3-METHYLBUT-3-ENYL TRIHYDROGEN DIPHOSPHATE' 'C5 H12 O7 P2'
NA non-polymer 'SODIUM ION' 'Na 1'
P2H non-polymer 1-(2-hydroxy-2,2-diphosphonoethyl)-3-phenylpyridinium 'C13 H16 N O7 P2 1'
#
# COMPACT_ATOMS: atom_id res chain seq x y z
N FME A 1 -2.47 23.09 21.47
CN FME A 1 -2.40 24.36 22.01
O1 FME A 1 -1.42 24.65 22.68
CA FME A 1 -3.87 22.71 21.27
CB FME A 1 -3.99 22.03 19.89
CG FME A 1 -3.88 23.07 18.79
SD FME A 1 -3.33 22.33 17.28
CE FME A 1 -3.37 23.56 16.01
C FME A 1 -4.31 21.80 22.39
O FME A 1 -3.45 21.20 23.06
N ALA A 2 -5.62 21.69 22.61
CA ALA A 2 -6.18 20.98 23.76
C ALA A 2 -5.66 19.55 23.94
N HIS A 3 -5.42 18.85 22.84
CA HIS A 3 -5.08 17.44 22.90
C HIS A 3 -3.69 17.11 22.37
N MET A 4 -2.90 18.13 22.06
CA MET A 4 -1.56 17.92 21.51
C MET A 4 -0.65 17.08 22.43
N GLU A 5 -0.67 17.37 23.73
CA GLU A 5 0.16 16.66 24.70
C GLU A 5 -0.22 15.18 24.81
N ARG A 6 -1.52 14.92 24.98
CA ARG A 6 -2.05 13.56 24.99
C ARG A 6 -1.73 12.82 23.69
N PHE A 7 -1.90 13.50 22.55
CA PHE A 7 -1.69 12.91 21.23
C PHE A 7 -0.24 12.48 21.02
N GLN A 8 0.70 13.35 21.40
CA GLN A 8 2.13 13.05 21.31
C GLN A 8 2.56 11.91 22.24
N LYS A 9 1.94 11.83 23.42
CA LYS A 9 2.19 10.74 24.36
C LYS A 9 1.77 9.40 23.75
N VAL A 10 0.60 9.39 23.10
CA VAL A 10 0.10 8.18 22.44
C VAL A 10 1.01 7.80 21.26
N TYR A 11 1.57 8.78 20.56
CA TYR A 11 2.56 8.49 19.51
C TYR A 11 3.69 7.62 20.05
N GLU A 12 4.27 8.06 21.17
CA GLU A 12 5.38 7.35 21.79
C GLU A 12 4.95 5.94 22.18
N GLU A 13 3.74 5.82 22.71
CA GLU A 13 3.18 4.53 23.09
C GLU A 13 2.97 3.58 21.88
N VAL A 14 2.38 4.09 20.81
CA VAL A 14 2.12 3.25 19.62
C VAL A 14 3.42 2.90 18.92
N GLN A 15 4.36 3.84 18.88
CA GLN A 15 5.67 3.54 18.32
C GLN A 15 6.36 2.39 19.07
N GLU A 16 6.37 2.46 20.40
CA GLU A 16 6.96 1.39 21.21
C GLU A 16 6.28 0.04 20.93
N PHE A 17 4.94 0.04 20.88
CA PHE A 17 4.20 -1.18 20.55
C PHE A 17 4.58 -1.76 19.18
N LEU A 18 4.57 -0.91 18.16
CA LEU A 18 4.80 -1.38 16.79
C LEU A 18 6.21 -1.94 16.62
N LEU A 19 7.21 -1.22 17.12
CA LEU A 19 8.59 -1.72 17.02
C LEU A 19 8.81 -2.97 17.87
N GLY A 20 8.23 -2.98 19.08
CA GLY A 20 8.27 -4.17 19.93
C GLY A 20 7.60 -5.38 19.30
N ASP A 21 6.47 -5.15 18.63
CA ASP A 21 5.76 -6.23 17.94
C ASP A 21 6.59 -6.86 16.81
N ALA A 22 7.34 -6.03 16.10
CA ALA A 22 8.23 -6.50 15.04
C ALA A 22 9.37 -7.35 15.60
N GLU A 23 9.90 -6.95 16.76
CA GLU A 23 10.93 -7.74 17.44
C GLU A 23 10.39 -9.12 17.81
N LYS A 24 9.18 -9.13 18.36
CA LYS A 24 8.50 -10.35 18.81
C LYS A 24 8.15 -11.28 17.64
N ARG A 25 7.63 -10.70 16.56
CA ARG A 25 7.02 -11.49 15.49
C ARG A 25 7.96 -11.78 14.34
N PHE A 26 8.86 -10.85 14.02
CA PHE A 26 9.65 -10.96 12.79
C PHE A 26 11.16 -11.01 12.99
N GLU A 27 11.60 -11.30 14.21
CA GLU A 27 13.03 -11.41 14.52
C GLU A 27 13.77 -10.11 14.13
N MET A 28 13.13 -8.97 14.39
CA MET A 28 13.68 -7.65 14.06
C MET A 28 14.95 -7.42 14.86
N ASP A 29 16.02 -7.04 14.16
CA ASP A 29 17.32 -6.76 14.76
C ASP A 29 17.41 -5.29 15.16
N VAL A 30 18.39 -4.98 16.02
CA VAL A 30 18.59 -3.64 16.58
C VAL A 30 18.76 -2.54 15.53
N HIS A 31 19.51 -2.85 14.47
CA HIS A 31 19.83 -1.89 13.44
C HIS A 31 18.61 -1.51 12.61
N ARG A 32 17.86 -2.50 12.14
CA ARG A 32 16.65 -2.23 11.36
C ARG A 32 15.51 -1.65 12.23
N LYS A 33 15.48 -2.00 13.52
CA LYS A 33 14.53 -1.38 14.45
C LYS A 33 14.81 0.13 14.55
N GLY A 34 16.07 0.49 14.69
CA GLY A 34 16.50 1.89 14.69
C GLY A 34 16.19 2.61 13.38
N TYR A 35 16.43 1.92 12.26
CA TYR A 35 16.05 2.44 10.95
C TYR A 35 14.55 2.75 10.91
N LEU A 36 13.73 1.79 11.36
CA LEU A 36 12.27 1.95 11.33
C LEU A 36 11.78 3.07 12.26
N LYS A 37 12.42 3.20 13.44
CA LYS A 37 12.11 4.31 14.33
C LYS A 37 12.36 5.65 13.65
N SER A 38 13.52 5.78 12.99
CA SER A 38 13.85 7.04 12.30
C SER A 38 12.89 7.29 11.14
N MET A 39 12.52 6.22 10.43
CA MET A 39 11.56 6.30 9.32
C MET A 39 10.19 6.77 9.83
N MET A 40 9.71 6.16 10.90
CA MET A 40 8.42 6.55 11.48
C MET A 40 8.44 8.02 11.91
N ASP A 41 9.47 8.43 12.65
CA ASP A 41 9.59 9.80 13.14
C ASP A 41 9.67 10.81 11.98
N THR A 42 10.46 10.50 10.96
CA THR A 42 10.66 11.42 9.84
C THR A 42 9.38 11.58 8.98
N THR A 43 8.66 10.48 8.79
CA THR A 43 7.50 10.46 7.89
C THR A 43 6.17 10.81 8.58
N CYS A 44 6.08 10.57 9.89
CA CYS A 44 4.84 10.76 10.66
C CYS A 44 4.78 12.05 11.47
N LEU A 45 5.94 12.65 11.73
CA LEU A 45 5.98 13.85 12.57
C LEU A 45 6.33 15.09 11.76
N GLY A 46 6.01 16.26 12.29
CA GLY A 46 6.40 17.52 11.66
C GLY A 46 5.33 18.20 10.84
N GLY A 47 4.20 17.52 10.64
CA GLY A 47 3.02 18.12 10.01
C GLY A 47 2.21 18.90 11.04
N LYS A 48 1.02 19.34 10.63
CA LYS A 48 0.16 20.16 11.50
C LYS A 48 -0.72 19.29 12.41
N TYR A 49 -0.85 18.01 12.06
CA TYR A 49 -1.71 17.05 12.77
C TYR A 49 -3.20 17.39 12.76
N ASN A 50 -3.65 18.18 11.77
CA ASN A 50 -5.08 18.50 11.62
C ASN A 50 -5.99 17.25 11.58
N ARG A 51 -5.58 16.21 10.84
CA ARG A 51 -6.40 14.98 10.74
C ARG A 51 -6.49 14.24 12.07
N GLY A 52 -5.33 13.93 12.67
CA GLY A 52 -5.29 13.19 13.93
C GLY A 52 -6.01 13.91 15.07
N LEU A 53 -5.69 15.18 15.25
CA LEU A 53 -6.30 15.98 16.32
C LEU A 53 -7.80 16.18 16.13
N CYS A 54 -8.26 16.20 14.87
CA CYS A 54 -9.70 16.27 14.60
C CYS A 54 -10.43 15.07 15.21
N VAL A 55 -9.87 13.87 15.07
CA VAL A 55 -10.48 12.68 15.65
C VAL A 55 -10.71 12.87 17.15
N VAL A 56 -9.68 13.35 17.83
CA VAL A 56 -9.75 13.59 19.29
C VAL A 56 -10.74 14.71 19.66
N ASP A 57 -10.75 15.79 18.87
CA ASP A 57 -11.70 16.90 19.11
CA ASP A 57 -11.69 16.90 19.12
C ASP A 57 -13.14 16.44 18.99
N VAL A 58 -13.42 15.66 17.95
CA VAL A 58 -14.78 15.12 17.72
C VAL A 58 -15.16 14.14 18.82
N ALA A 59 -14.26 13.23 19.16
CA ALA A 59 -14.51 12.21 20.20
C ALA A 59 -14.82 12.84 21.56
N GLU A 60 -14.02 13.82 21.95
CA GLU A 60 -14.24 14.55 23.19
C GLU A 60 -15.60 15.25 23.21
N ALA A 61 -15.89 16.02 22.15
CA ALA A 61 -17.18 16.71 22.02
C ALA A 61 -18.38 15.77 22.18
N MET A 62 -18.31 14.59 21.57
CA MET A 62 -19.41 13.63 21.61
C MET A 62 -19.49 12.88 22.93
N ALA A 63 -18.33 12.64 23.55
CA ALA A 63 -18.25 12.02 24.87
C ALA A 63 -18.83 12.95 25.94
N LYS A 64 -18.54 14.25 25.83
CA LYS A 64 -19.13 15.25 26.72
C LYS A 64 -20.64 15.33 26.51
N ASP A 65 -21.05 15.33 25.23
CA ASP A 65 -22.46 15.38 24.85
C ASP A 65 -23.25 14.22 25.46
N THR A 66 -22.66 13.03 25.43
CA THR A 66 -23.32 11.81 25.94
C THR A 66 -22.97 11.50 27.41
N GLN A 67 -22.39 12.49 28.10
CA GLN A 67 -22.15 12.46 29.55
C GLN A 67 -21.35 11.23 30.05
N MET A 68 -20.31 10.85 29.31
CA MET A 68 -19.44 9.75 29.72
C MET A 68 -18.72 10.07 31.03
N ASP A 69 -18.67 9.09 31.93
CA ASP A 69 -17.94 9.26 33.19
C ASP A 69 -16.43 9.29 32.97
N ALA A 70 -15.67 9.53 34.05
CA ALA A 70 -14.23 9.71 33.97
C ALA A 70 -13.51 8.57 33.25
N ALA A 71 -13.83 7.32 33.62
CA ALA A 71 -13.20 6.14 33.03
C ALA A 71 -13.56 5.96 31.56
N ALA A 72 -14.82 6.19 31.23
CA ALA A 72 -15.28 6.08 29.84
C ALA A 72 -14.67 7.17 28.96
N MET A 73 -14.54 8.36 29.52
CA MET A 73 -13.95 9.49 28.82
C MET A 73 -12.48 9.24 28.48
N GLU A 74 -11.73 8.71 29.46
CA GLU A 74 -10.32 8.40 29.26
C GLU A 74 -10.10 7.34 28.16
N ARG A 75 -10.96 6.33 28.12
CA ARG A 75 -10.90 5.30 27.09
C ARG A 75 -11.15 5.91 25.71
N VAL A 76 -12.21 6.70 25.60
CA VAL A 76 -12.57 7.32 24.32
C VAL A 76 -11.47 8.25 23.81
N LEU A 77 -10.86 9.01 24.72
CA LEU A 77 -9.77 9.92 24.33
C LEU A 77 -8.57 9.12 23.84
N HIS A 78 -8.22 8.05 24.54
CA HIS A 78 -7.09 7.22 24.13
C HIS A 78 -7.36 6.50 22.80
N ASP A 79 -8.56 5.93 22.65
CA ASP A 79 -8.99 5.36 21.36
C ASP A 79 -8.94 6.39 20.24
N ALA A 80 -9.44 7.61 20.51
CA ALA A 80 -9.41 8.68 19.52
C ALA A 80 -8.01 9.02 19.06
N CYS A 81 -7.07 9.08 20.00
CA CYS A 81 -5.66 9.32 19.69
C CYS A 81 -5.11 8.24 18.77
N VAL A 82 -5.43 6.98 19.08
CA VAL A 82 -5.02 5.85 18.26
C VAL A 82 -5.60 5.98 16.84
N CYS A 83 -6.90 6.22 16.71
CA CYS A 83 -7.51 6.47 15.39
C CYS A 83 -6.85 7.65 14.68
N GLY A 84 -6.55 8.70 15.45
CA GLY A 84 -5.83 9.86 14.94
C GLY A 84 -4.50 9.48 14.32
N TRP A 85 -3.77 8.58 14.99
CA TRP A 85 -2.47 8.14 14.48
C TRP A 85 -2.58 7.19 13.28
N MET A 86 -3.68 6.45 13.21
CA MET A 86 -4.01 5.70 11.99
C MET A 86 -4.06 6.62 10.78
N ILE A 87 -4.74 7.75 10.92
CA ILE A 87 -4.87 8.70 9.83
C ILE A 87 -3.54 9.42 9.55
N GLU A 88 -2.83 9.80 10.60
CA GLU A 88 -1.51 10.40 10.44
C GLU A 88 -0.55 9.45 9.72
N MET A 89 -0.64 8.16 10.02
CA MET A 89 0.22 7.16 9.36
C MET A 89 -0.24 6.86 7.92
N LEU A 90 -1.55 6.96 7.67
CA LEU A 90 -2.08 6.88 6.30
C LEU A 90 -1.55 8.06 5.47
N GLN A 91 -1.65 9.26 6.05
CA GLN A 91 -1.03 10.47 5.51
C GLN A 91 0.46 10.23 5.25
N ALA A 92 1.19 9.74 6.25
CA ALA A 92 2.63 9.46 6.12
C ALA A 92 2.92 8.56 4.91
N HIS A 93 2.18 7.45 4.83
CA HIS A 93 2.20 6.54 3.67
C HIS A 93 1.99 7.29 2.34
N PHE A 94 0.90 8.04 2.23
CA PHE A 94 0.60 8.78 0.99
C PHE A 94 1.73 9.73 0.59
N LEU A 95 2.26 10.46 1.56
CA LEU A 95 3.28 11.48 1.27
C LEU A 95 4.61 10.88 0.85
N VAL A 96 5.02 9.78 1.51
CA VAL A 96 6.20 9.03 1.09
C VAL A 96 6.08 8.64 -0.39
N GLU A 97 4.95 8.02 -0.76
CA GLU A 97 4.74 7.54 -2.12
C GLU A 97 4.60 8.69 -3.09
N ASP A 98 3.87 9.72 -2.67
CA ASP A 98 3.68 10.92 -3.50
C ASP A 98 5.00 11.63 -3.81
N ASP A 99 5.85 11.79 -2.80
CA ASP A 99 7.13 12.47 -3.00
C ASP A 99 7.99 11.76 -4.04
N ILE A 100 7.93 10.42 -4.06
CA ILE A 100 8.59 9.61 -5.09
C ILE A 100 7.96 9.86 -6.47
N MET A 101 6.63 9.78 -6.53
CA MET A 101 5.89 9.96 -7.78
C MET A 101 6.08 11.36 -8.38
N ASP A 102 6.09 12.39 -7.51
CA ASP A 102 6.28 13.77 -7.98
C ASP A 102 7.75 14.17 -8.14
N HIS A 103 8.65 13.26 -7.75
N HIS A 103 8.65 13.28 -7.73
CA HIS A 103 10.10 13.50 -7.72
CA HIS A 103 10.10 13.52 -7.74
C HIS A 103 10.44 14.79 -6.97
C HIS A 103 10.46 14.80 -6.95
N SER A 104 9.86 14.92 -5.77
CA SER A 104 9.98 16.13 -4.96
C SER A 104 11.26 16.20 -4.14
N LYS A 105 11.57 17.40 -3.64
CA LYS A 105 12.84 17.63 -2.96
C LYS A 105 12.69 17.76 -1.44
N THR A 106 11.68 18.49 -1.00
CA THR A 106 11.48 18.75 0.44
C THR A 106 10.07 18.41 0.91
N ARG A 107 9.95 18.00 2.17
CA ARG A 107 8.68 17.75 2.83
C ARG A 107 8.79 18.16 4.29
N ARG A 108 7.84 18.98 4.76
CA ARG A 108 7.81 19.46 6.15
C ARG A 108 9.16 20.08 6.58
N GLY A 109 9.81 20.79 5.66
CA GLY A 109 11.06 21.49 5.94
C GLY A 109 12.33 20.66 5.91
N LYS A 110 12.21 19.38 5.58
CA LYS A 110 13.35 18.44 5.50
C LYS A 110 13.38 17.82 4.11
N PRO A 111 14.50 17.15 3.73
CA PRO A 111 14.46 16.40 2.47
C PRO A 111 13.40 15.30 2.49
N CYS A 112 12.82 15.02 1.32
CA CYS A 112 11.85 13.93 1.19
C CYS A 112 12.48 12.62 1.67
N TRP A 113 11.66 11.71 2.20
CA TRP A 113 12.17 10.44 2.72
C TRP A 113 13.06 9.69 1.72
N TYR A 114 12.59 9.53 0.48
CA TYR A 114 13.32 8.78 -0.54
C TYR A 114 14.66 9.44 -0.88
N LEU A 115 14.77 10.75 -0.63
CA LEU A 115 15.96 11.51 -0.94
C LEU A 115 17.04 11.46 0.13
N HIS A 116 16.69 10.93 1.30
CA HIS A 116 17.69 10.59 2.31
C HIS A 116 18.67 9.61 1.66
N PRO A 117 19.98 9.92 1.70
CA PRO A 117 21.00 9.21 0.93
C PRO A 117 21.07 7.71 1.24
N GLY A 118 20.72 7.33 2.46
CA GLY A 118 20.69 5.94 2.87
C GLY A 118 19.37 5.24 2.62
N VAL A 119 18.47 5.91 1.89
CA VAL A 119 17.15 5.32 1.61
C VAL A 119 17.00 4.99 0.13
N THR A 120 16.78 6.01 -0.69
CA THR A 120 16.47 5.90 -2.14
C THR A 120 15.03 5.44 -2.37
N ALA A 121 14.50 5.77 -3.55
CA ALA A 121 13.12 5.42 -3.89
C ALA A 121 12.90 3.90 -3.84
N GLN A 122 13.94 3.14 -4.18
CA GLN A 122 13.88 1.68 -4.21
C GLN A 122 13.72 1.01 -2.83
N VAL A 123 13.97 1.75 -1.76
CA VAL A 123 13.70 1.28 -0.41
C VAL A 123 12.43 1.98 0.10
N ALA A 124 12.34 3.27 -0.21
CA ALA A 124 11.26 4.13 0.28
C ALA A 124 9.87 3.68 -0.17
N ILE A 125 9.75 3.13 -1.38
CA ILE A 125 8.46 2.57 -1.82
C ILE A 125 7.92 1.57 -0.79
N ASN A 126 8.79 0.67 -0.36
CA ASN A 126 8.40 -0.32 0.65
C ASN A 126 8.23 0.28 2.06
N ASP A 127 9.05 1.26 2.40
CA ASP A 127 8.87 1.98 3.67
C ASP A 127 7.46 2.54 3.75
N GLY A 128 6.97 3.07 2.63
CA GLY A 128 5.59 3.57 2.54
C GLY A 128 4.56 2.46 2.77
N LEU A 129 4.85 1.26 2.28
CA LEU A 129 3.95 0.12 2.51
C LEU A 129 3.91 -0.28 3.98
N ILE A 130 5.06 -0.24 4.64
CA ILE A 130 5.14 -0.50 6.08
C ILE A 130 4.24 0.46 6.88
N LEU A 131 4.28 1.76 6.53
CA LEU A 131 3.46 2.78 7.20
C LEU A 131 1.97 2.45 7.09
N LEU A 132 1.53 2.13 5.87
CA LEU A 132 0.14 1.75 5.64
C LEU A 132 -0.25 0.52 6.47
N ALA A 133 0.60 -0.51 6.44
CA ALA A 133 0.38 -1.71 7.26
C ALA A 133 0.26 -1.38 8.75
N TRP A 134 1.19 -0.56 9.26
CA TRP A 134 1.17 -0.15 10.67
C TRP A 134 -0.17 0.48 11.10
N ALA A 135 -0.78 1.28 10.22
CA ALA A 135 -2.07 1.91 10.53
C ALA A 135 -3.14 0.87 10.88
N THR A 136 -3.25 -0.18 10.06
CA THR A 136 -4.18 -1.26 10.36
C THR A 136 -3.77 -2.04 11.63
N GLN A 137 -2.47 -2.25 11.82
CA GLN A 137 -1.94 -2.88 13.03
C GLN A 137 -2.42 -2.21 14.32
N MET A 138 -2.43 -0.88 14.34
CA MET A 138 -2.90 -0.17 15.52
C MET A 138 -4.36 -0.50 15.88
N ALA A 139 -5.23 -0.53 14.87
CA ALA A 139 -6.63 -0.86 15.08
C ALA A 139 -6.80 -2.30 15.57
N LEU A 140 -6.09 -3.23 14.92
CA LEU A 140 -6.17 -4.64 15.27
C LEU A 140 -5.74 -4.90 16.71
N HIS A 141 -4.72 -4.16 17.16
CA HIS A 141 -4.22 -4.30 18.52
C HIS A 141 -5.08 -3.53 19.54
N TYR A 142 -5.16 -2.21 19.39
CA TYR A 142 -5.85 -1.39 20.40
C TYR A 142 -7.36 -1.60 20.46
N PHE A 143 -7.96 -1.96 19.33
CA PHE A 143 -9.42 -2.11 19.27
C PHE A 143 -9.88 -3.56 19.16
N ALA A 144 -8.99 -4.50 19.51
CA ALA A 144 -9.28 -5.93 19.47
C ALA A 144 -10.58 -6.33 20.16
N ASP A 145 -10.92 -5.67 21.28
CA ASP A 145 -12.14 -6.00 22.01
CA ASP A 145 -12.13 -5.98 22.04
C ASP A 145 -13.28 -4.98 21.82
N ARG A 146 -13.08 -4.03 20.91
CA ARG A 146 -14.07 -2.98 20.67
C ARG A 146 -15.03 -3.37 19.55
N PRO A 147 -16.35 -3.22 19.79
CA PRO A 147 -17.32 -3.54 18.75
C PRO A 147 -17.19 -2.63 17.51
N PHE A 148 -16.59 -1.45 17.68
CA PHE A 148 -16.40 -0.52 16.55
C PHE A 148 -15.20 -0.85 15.65
N LEU A 149 -14.44 -1.90 16.00
CA LEU A 149 -13.29 -2.29 15.17
C LEU A 149 -13.69 -2.54 13.71
N ALA A 150 -14.75 -3.30 13.50
CA ALA A 150 -15.20 -3.61 12.14
C ALA A 150 -15.44 -2.35 11.30
N GLU A 151 -16.22 -1.41 11.86
CA GLU A 151 -16.53 -0.17 11.16
C GLU A 151 -15.33 0.77 10.95
N VAL A 152 -14.41 0.79 11.91
CA VAL A 152 -13.14 1.52 11.76
C VAL A 152 -12.33 1.00 10.56
N LEU A 153 -12.16 -0.32 10.48
CA LEU A 153 -11.46 -0.94 9.35
C LEU A 153 -12.18 -0.67 8.03
N ARG A 154 -13.50 -0.79 8.04
CA ARG A 154 -14.30 -0.58 6.84
C ARG A 154 -14.11 0.85 6.31
N VAL A 155 -14.28 1.85 7.17
CA VAL A 155 -14.16 3.24 6.72
C VAL A 155 -12.73 3.60 6.32
N PHE A 156 -11.76 3.10 7.09
CA PHE A 156 -10.34 3.36 6.81
C PHE A 156 -9.98 2.83 5.43
N HIS A 157 -10.34 1.58 5.15
CA HIS A 157 -9.96 0.97 3.88
C HIS A 157 -10.74 1.48 2.69
N ASP A 158 -12.02 1.84 2.90
CA ASP A 158 -12.80 2.53 1.86
C ASP A 158 -12.13 3.83 1.48
N VAL A 159 -11.70 4.58 2.48
CA VAL A 159 -11.04 5.86 2.25
C VAL A 159 -9.65 5.68 1.61
N ASP A 160 -8.94 4.62 2.01
CA ASP A 160 -7.69 4.30 1.34
C ASP A 160 -7.93 4.08 -0.17
N LEU A 161 -8.89 3.22 -0.53
CA LEU A 161 -9.25 3.02 -1.93
C LEU A 161 -9.59 4.34 -2.62
N THR A 162 -10.49 5.11 -2.00
CA THR A 162 -10.97 6.38 -2.57
C THR A 162 -9.78 7.27 -2.94
N THR A 163 -8.85 7.40 -2.00
CA THR A 163 -7.67 8.25 -2.21
C THR A 163 -6.78 7.77 -3.36
N THR A 164 -6.59 6.46 -3.50
CA THR A 164 -5.77 5.92 -4.61
C THR A 164 -6.43 6.17 -5.97
N ILE A 165 -7.77 6.13 -6.01
CA ILE A 165 -8.53 6.47 -7.23
C ILE A 165 -8.39 7.97 -7.53
N GLY A 166 -8.47 8.80 -6.48
CA GLY A 166 -8.18 10.24 -6.61
C GLY A 166 -6.79 10.45 -7.18
N GLN A 167 -5.81 9.72 -6.65
CA GLN A 167 -4.43 9.79 -7.17
C GLN A 167 -4.32 9.33 -8.64
N LEU A 168 -5.10 8.31 -9.03
CA LEU A 168 -5.15 7.92 -10.45
C LEU A 168 -5.58 9.08 -11.33
N TYR A 169 -6.65 9.77 -10.92
CA TYR A 169 -7.12 10.96 -11.63
C TYR A 169 -6.05 12.04 -11.72
N ASP A 170 -5.35 12.24 -10.61
CA ASP A 170 -4.25 13.22 -10.55
C ASP A 170 -3.11 12.91 -11.55
N VAL A 171 -2.59 11.68 -11.51
CA VAL A 171 -1.41 11.33 -12.31
C VAL A 171 -1.70 11.12 -13.79
N THR A 172 -2.98 10.94 -14.13
CA THR A 172 -3.42 10.77 -15.53
C THR A 172 -4.15 11.99 -16.10
N SER A 173 -3.99 13.15 -15.48
CA SER A 173 -4.77 14.32 -15.88
C SER A 173 -4.07 15.24 -16.88
N MET A 174 -2.79 14.97 -17.14
CA MET A 174 -1.97 15.80 -18.05
C MET A 174 -1.93 15.25 -19.48
N VAL A 175 -2.53 14.07 -19.64
CA VAL A 175 -2.63 13.43 -20.95
C VAL A 175 -4.12 13.32 -21.28
N ASP A 176 -4.48 13.55 -22.54
CA ASP A 176 -5.84 13.33 -23.02
C ASP A 176 -6.28 11.91 -22.64
N SER A 177 -7.41 11.80 -21.95
CA SER A 177 -7.85 10.51 -21.40
C SER A 177 -8.17 9.47 -22.47
N ALA A 178 -8.62 9.92 -23.63
CA ALA A 178 -8.83 9.03 -24.77
C ALA A 178 -7.51 8.40 -25.23
N LYS A 179 -6.38 9.01 -24.87
CA LYS A 179 -5.05 8.53 -25.25
C LYS A 179 -4.39 7.69 -24.17
N LEU A 180 -5.08 7.53 -23.03
CA LEU A 180 -4.58 6.71 -21.95
C LEU A 180 -4.55 5.26 -22.38
N ASP A 181 -3.34 4.72 -22.54
CA ASP A 181 -3.13 3.39 -23.08
C ASP A 181 -1.80 2.88 -22.53
N ALA A 182 -1.85 1.82 -21.73
CA ALA A 182 -0.65 1.26 -21.11
C ALA A 182 0.44 0.96 -22.13
N LYS A 183 0.04 0.51 -23.31
CA LYS A 183 0.98 0.04 -24.32
C LYS A 183 1.58 1.15 -25.19
N VAL A 184 1.04 2.36 -25.05
CA VAL A 184 1.45 3.48 -25.90
C VAL A 184 1.70 4.73 -25.08
N ALA A 185 2.92 5.24 -25.13
CA ALA A 185 3.23 6.53 -24.51
C ALA A 185 2.51 7.64 -25.29
N HIS A 186 2.11 8.69 -24.59
CA HIS A 186 1.55 9.87 -25.26
C HIS A 186 2.05 11.10 -24.52
N ALA A 187 2.33 12.16 -25.27
CA ALA A 187 2.87 13.37 -24.68
C ALA A 187 1.83 14.03 -23.79
N ASN A 188 2.29 14.91 -22.91
CA ASN A 188 1.41 15.78 -22.18
C ASN A 188 0.57 16.61 -23.17
N THR A 189 -0.62 17.00 -22.74
CA THR A 189 -1.51 17.82 -23.57
C THR A 189 -0.84 19.13 -24.04
N THR A 190 -1.29 19.60 -25.20
CA THR A 190 -0.89 20.90 -25.73
C THR A 190 -2.10 21.84 -25.79
N ASP A 191 -3.30 21.25 -25.81
CA ASP A 191 -4.55 22.01 -25.91
C ASP A 191 -5.28 22.22 -24.58
N TYR A 192 -5.00 21.35 -23.62
CA TYR A 192 -5.57 21.45 -22.25
C TYR A 192 -7.11 21.43 -22.22
N VAL A 193 -7.72 20.72 -23.18
CA VAL A 193 -9.18 20.64 -23.29
C VAL A 193 -9.84 20.02 -22.05
N GLU A 194 -9.12 19.09 -21.42
CA GLU A 194 -9.63 18.40 -20.22
C GLU A 194 -9.35 19.12 -18.89
N TYR A 195 -8.75 20.30 -18.96
CA TYR A 195 -8.47 21.09 -17.75
C TYR A 195 -9.70 21.89 -17.36
N THR A 196 -10.68 21.18 -16.81
CA THR A 196 -12.02 21.70 -16.57
C THR A 196 -12.35 21.76 -15.08
N PRO A 197 -13.28 22.66 -14.67
CA PRO A 197 -13.80 22.67 -13.31
C PRO A 197 -14.22 21.28 -12.82
N PHE A 198 -14.94 20.53 -13.66
CA PHE A 198 -15.40 19.17 -13.29
C PHE A 198 -14.23 18.23 -12.99
N ASN A 199 -13.24 18.20 -13.88
CA ASN A 199 -12.09 17.31 -13.68
C ASN A 199 -11.24 17.71 -12.47
N HIS A 200 -11.08 19.01 -12.24
CA HIS A 200 -10.38 19.45 -11.04
C HIS A 200 -11.11 18.99 -9.78
N ARG A 201 -12.41 19.25 -9.71
CA ARG A 201 -13.24 18.85 -8.56
C ARG A 201 -13.12 17.35 -8.30
N ARG A 202 -13.21 16.55 -9.36
CA ARG A 202 -13.06 15.09 -9.25
C ARG A 202 -11.70 14.69 -8.65
N ILE A 203 -10.61 15.26 -9.16
CA ILE A 203 -9.30 14.97 -8.57
C ILE A 203 -9.26 15.27 -7.07
N VAL A 204 -9.68 16.48 -6.70
CA VAL A 204 -9.44 16.96 -5.34
C VAL A 204 -10.37 16.35 -4.31
N VAL A 205 -11.62 16.13 -4.67
CA VAL A 205 -12.58 15.48 -3.78
C VAL A 205 -12.07 14.07 -3.39
N TYR A 206 -11.66 13.29 -4.38
CA TYR A 206 -11.23 11.91 -4.14
C TYR A 206 -9.82 11.75 -3.56
N LYS A 207 -8.87 12.57 -4.02
CA LYS A 207 -7.48 12.45 -3.52
C LYS A 207 -7.30 13.10 -2.15
N THR A 208 -8.19 14.02 -1.77
CA THR A 208 -7.98 14.79 -0.54
C THR A 208 -9.15 14.81 0.45
N ALA A 209 -10.35 15.12 -0.02
CA ALA A 209 -11.46 15.39 0.89
C ALA A 209 -11.82 14.18 1.77
N TYR A 210 -11.79 12.97 1.19
CA TYR A 210 -12.19 11.77 1.96
C TYR A 210 -11.26 11.47 3.14
N TYR A 211 -9.96 11.48 2.91
CA TYR A 211 -9.02 11.14 3.98
C TYR A 211 -8.68 12.32 4.91
N THR A 212 -8.87 13.54 4.44
CA THR A 212 -8.48 14.73 5.22
C THR A 212 -9.64 15.31 6.05
N TYR A 213 -10.88 15.15 5.55
CA TYR A 213 -12.06 15.71 6.20
C TYR A 213 -13.08 14.67 6.63
N TRP A 214 -13.49 13.80 5.71
CA TRP A 214 -14.54 12.85 6.05
C TRP A 214 -14.05 11.80 7.07
N LEU A 215 -12.87 11.24 6.82
CA LEU A 215 -12.35 10.17 7.69
C LEU A 215 -12.13 10.58 9.17
N PRO A 216 -11.47 11.72 9.43
CA PRO A 216 -11.31 12.15 10.83
C PRO A 216 -12.63 12.35 11.56
N LEU A 217 -13.61 12.95 10.87
CA LEU A 217 -14.94 13.16 11.45
C LEU A 217 -15.63 11.84 11.79
N VAL A 218 -15.66 10.92 10.84
CA VAL A 218 -16.32 9.63 11.05
C VAL A 218 -15.65 8.80 12.15
N MET A 219 -14.32 8.76 12.16
CA MET A 219 -13.59 8.04 13.21
C MET A 219 -13.87 8.59 14.61
N GLY A 220 -13.98 9.91 14.75
CA GLY A 220 -14.30 10.52 16.04
C GLY A 220 -15.68 10.08 16.53
N LEU A 221 -16.62 9.98 15.59
CA LEU A 221 -17.96 9.46 15.87
C LEU A 221 -17.97 7.97 16.20
N LEU A 222 -17.17 7.18 15.47
CA LEU A 222 -17.11 5.74 15.71
C LEU A 222 -16.53 5.40 17.08
N VAL A 223 -15.41 6.02 17.45
CA VAL A 223 -14.78 5.72 18.74
C VAL A 223 -15.63 6.14 19.94
N SER A 224 -16.43 7.20 19.75
CA SER A 224 -17.32 7.70 20.82
C SER A 224 -18.71 7.04 20.82
N GLY A 225 -18.95 6.16 19.85
CA GLY A 225 -20.24 5.44 19.74
C GLY A 225 -21.42 6.33 19.36
N THR A 226 -21.15 7.38 18.59
CA THR A 226 -22.17 8.40 18.32
C THR A 226 -22.49 8.62 16.83
N LEU A 227 -22.00 7.74 15.95
CA LEU A 227 -22.29 7.87 14.51
C LEU A 227 -23.79 8.01 14.19
N GLU A 228 -24.62 7.25 14.91
CA GLU A 228 -26.07 7.27 14.72
C GLU A 228 -26.73 8.60 15.13
N LYS A 229 -25.99 9.45 15.83
CA LYS A 229 -26.51 10.72 16.33
C LYS A 229 -26.53 11.85 15.30
N VAL A 230 -25.77 11.69 14.21
CA VAL A 230 -25.62 12.77 13.22
C VAL A 230 -26.15 12.40 11.84
N ASP A 231 -26.46 13.44 11.05
CA ASP A 231 -26.91 13.29 9.66
C ASP A 231 -25.73 12.87 8.78
N LYS A 232 -25.74 11.62 8.32
CA LYS A 232 -24.69 11.06 7.46
C LYS A 232 -24.46 11.87 6.18
N LYS A 233 -25.55 12.17 5.46
CA LYS A 233 -25.46 12.91 4.20
C LYS A 233 -24.91 14.32 4.41
N ALA A 234 -25.39 14.99 5.45
CA ALA A 234 -24.95 16.35 5.76
C ALA A 234 -23.48 16.39 6.13
N THR A 235 -23.05 15.42 6.95
CA THR A 235 -21.65 15.27 7.35
C THR A 235 -20.75 15.05 6.14
N HIS A 236 -21.15 14.13 5.27
CA HIS A 236 -20.43 13.87 4.04
C HIS A 236 -20.34 15.13 3.18
N LYS A 237 -21.45 15.86 3.06
CA LYS A 237 -21.50 17.07 2.24
C LYS A 237 -20.52 18.13 2.71
N VAL A 238 -20.56 18.45 4.01
CA VAL A 238 -19.67 19.46 4.56
C VAL A 238 -18.19 19.03 4.46
N ALA A 239 -17.92 17.73 4.60
CA ALA A 239 -16.56 17.20 4.44
C ALA A 239 -16.03 17.39 3.02
N MET A 240 -16.90 17.18 2.03
CA MET A 240 -16.55 17.39 0.62
C MET A 240 -16.26 18.86 0.31
N VAL A 241 -17.10 19.74 0.84
CA VAL A 241 -16.97 21.19 0.60
C VAL A 241 -15.66 21.71 1.20
N MET A 242 -15.39 21.36 2.45
CA MET A 242 -14.18 21.82 3.14
C MET A 242 -12.92 21.21 2.54
N GLY A 243 -13.03 19.92 2.15
CA GLY A 243 -11.89 19.18 1.60
C GLY A 243 -11.48 19.70 0.25
N GLU A 244 -12.46 20.00 -0.60
CA GLU A 244 -12.20 20.63 -1.89
C GLU A 244 -11.47 21.96 -1.70
N TYR A 245 -12.02 22.80 -0.84
CA TYR A 245 -11.44 24.10 -0.49
C TYR A 245 -10.01 23.96 0.04
N PHE A 246 -9.80 22.98 0.93
CA PHE A 246 -8.48 22.71 1.49
C PHE A 246 -7.45 22.38 0.40
N GLN A 247 -7.84 21.56 -0.57
CA GLN A 247 -6.94 21.26 -1.69
C GLN A 247 -6.75 22.43 -2.66
N VAL A 248 -7.80 23.22 -2.85
CA VAL A 248 -7.69 24.48 -3.61
C VAL A 248 -6.64 25.40 -2.94
N GLN A 249 -6.71 25.53 -1.62
CA GLN A 249 -5.68 26.26 -0.86
C GLN A 249 -4.28 25.70 -1.13
N ASP A 250 -4.15 24.38 -1.06
CA ASP A 250 -2.87 23.73 -1.36
C ASP A 250 -2.37 24.09 -2.77
N ASP A 251 -3.27 24.08 -3.75
CA ASP A 251 -2.96 24.44 -5.14
C ASP A 251 -2.50 25.90 -5.25
N VAL A 252 -3.22 26.80 -4.58
CA VAL A 252 -2.91 28.23 -4.63
C VAL A 252 -1.51 28.47 -4.03
N MET A 253 -1.24 27.82 -2.90
CA MET A 253 0.02 27.98 -2.18
C MET A 253 1.25 27.44 -2.93
N ASP A 254 1.05 26.40 -3.74
CA ASP A 254 2.09 25.88 -4.63
C ASP A 254 2.74 27.01 -5.44
N CYS A 255 1.90 27.92 -5.92
CA CYS A 255 2.37 29.04 -6.73
C CYS A 255 2.78 30.25 -5.88
N PHE A 256 1.93 30.62 -4.91
CA PHE A 256 2.05 31.93 -4.25
C PHE A 256 2.66 31.95 -2.83
N THR A 257 2.86 30.78 -2.22
CA THR A 257 3.49 30.72 -0.90
C THR A 257 4.95 30.29 -1.03
N PRO A 258 5.87 31.06 -0.42
CA PRO A 258 7.30 30.70 -0.46
C PRO A 258 7.52 29.29 0.11
N PRO A 259 8.29 28.45 -0.60
CA PRO A 259 8.60 27.08 -0.16
C PRO A 259 9.05 26.96 1.29
N GLU A 260 9.82 27.94 1.77
CA GLU A 260 10.33 27.92 3.15
C GLU A 260 9.23 28.04 4.21
N LYS A 261 8.17 28.80 3.91
CA LYS A 261 7.01 28.88 4.78
C LYS A 261 6.17 27.61 4.66
N LEU A 262 5.95 27.18 3.41
CA LEU A 262 5.13 26.00 3.12
C LEU A 262 5.78 24.68 3.59
N GLY A 263 7.11 24.63 3.55
CA GLY A 263 7.88 23.46 3.99
C GLY A 263 8.11 22.41 2.91
N LYS A 264 7.66 22.73 1.70
CA LYS A 264 7.76 21.83 0.54
C LYS A 264 7.91 22.66 -0.73
N ILE A 265 8.52 22.07 -1.77
CA ILE A 265 8.71 22.75 -3.05
C ILE A 265 7.80 22.14 -4.12
N GLY A 266 6.68 22.79 -4.38
CA GLY A 266 5.73 22.34 -5.39
C GLY A 266 6.22 22.57 -6.80
N THR A 267 5.87 21.67 -7.70
CA THR A 267 6.23 21.79 -9.12
C THR A 267 5.01 21.61 -10.00
N ASP A 268 3.85 22.07 -9.52
CA ASP A 268 2.61 21.97 -10.30
C ASP A 268 2.77 22.58 -11.68
N ILE A 269 3.46 23.72 -11.76
CA ILE A 269 3.66 24.43 -13.01
C ILE A 269 4.58 23.64 -13.95
N GLU A 270 5.74 23.22 -13.43
CA GLU A 270 6.70 22.42 -14.20
C GLU A 270 6.09 21.10 -14.70
N ASP A 271 5.20 20.51 -13.91
CA ASP A 271 4.65 19.19 -14.23
C ASP A 271 3.28 19.28 -14.94
N ALA A 272 2.90 20.48 -15.36
CA ALA A 272 1.63 20.73 -16.06
C ALA A 272 0.39 20.21 -15.33
N LYS A 273 0.38 20.35 -14.01
CA LYS A 273 -0.69 19.79 -13.18
C LYS A 273 -2.03 20.50 -13.40
N CYS A 274 -3.11 19.72 -13.36
CA CYS A 274 -4.46 20.26 -13.45
C CYS A 274 -4.84 20.85 -12.10
N SER A 275 -4.20 21.97 -11.76
CA SER A 275 -4.41 22.65 -10.49
C SER A 275 -5.60 23.60 -10.59
N TRP A 276 -6.10 24.06 -9.45
CA TRP A 276 -7.19 25.04 -9.44
C TRP A 276 -6.80 26.31 -10.20
N LEU A 277 -5.53 26.72 -10.04
CA LEU A 277 -5.00 27.89 -10.73
C LEU A 277 -5.05 27.72 -12.24
N ALA A 278 -4.53 26.59 -12.73
CA ALA A 278 -4.53 26.29 -14.16
C ALA A 278 -5.95 26.29 -14.74
N VAL A 279 -6.86 25.56 -14.07
CA VAL A 279 -8.25 25.46 -14.51
C VAL A 279 -8.98 26.81 -14.49
N THR A 280 -8.82 27.56 -13.41
CA THR A 280 -9.49 28.86 -13.28
C THR A 280 -8.93 29.87 -14.29
N PHE A 281 -7.62 29.82 -14.53
CA PHE A 281 -6.98 30.69 -15.53
C PHE A 281 -7.53 30.39 -16.92
N LEU A 282 -7.42 29.12 -17.33
CA LEU A 282 -7.83 28.69 -18.67
C LEU A 282 -9.28 29.00 -19.02
N THR A 283 -10.16 28.97 -18.01
CA THR A 283 -11.58 29.19 -18.24
C THR A 283 -12.02 30.66 -18.14
N THR A 284 -11.13 31.55 -17.70
CA THR A 284 -11.48 32.97 -17.49
C THR A 284 -10.61 33.97 -18.25
N ALA A 285 -9.40 33.56 -18.63
CA ALA A 285 -8.43 34.44 -19.28
C ALA A 285 -8.77 34.74 -20.75
N PRO A 286 -8.45 35.97 -21.22
CA PRO A 286 -8.61 36.27 -22.64
C PRO A 286 -7.72 35.36 -23.50
N ALA A 287 -8.15 35.11 -24.73
CA ALA A 287 -7.50 34.15 -25.64
C ALA A 287 -5.99 34.34 -25.83
N GLU A 288 -5.56 35.60 -25.92
CA GLU A 288 -4.13 35.92 -26.07
C GLU A 288 -3.30 35.39 -24.89
N LYS A 289 -3.85 35.51 -23.68
CA LYS A 289 -3.18 35.05 -22.45
C LYS A 289 -3.19 33.54 -22.34
N VAL A 290 -4.30 32.92 -22.76
CA VAL A 290 -4.39 31.46 -22.83
C VAL A 290 -3.30 30.90 -23.75
N ALA A 291 -3.08 31.54 -24.90
CA ALA A 291 -2.03 31.12 -25.81
C ALA A 291 -0.63 31.21 -25.17
N GLU A 292 -0.38 32.28 -24.43
CA GLU A 292 0.91 32.46 -23.72
C GLU A 292 1.13 31.33 -22.70
N PHE A 293 0.07 31.02 -21.95
CA PHE A 293 0.08 29.93 -20.96
C PHE A 293 0.51 28.62 -21.59
N LYS A 294 -0.18 28.24 -22.67
CA LYS A 294 0.09 26.98 -23.36
C LYS A 294 1.53 26.88 -23.86
N ALA A 295 2.09 28.03 -24.23
CA ALA A 295 3.45 28.09 -24.74
C ALA A 295 4.52 28.05 -23.64
N ASN A 296 4.10 28.07 -22.37
CA ASN A 296 5.04 28.12 -21.24
C ASN A 296 4.83 27.09 -20.12
N TYR A 297 3.60 26.59 -19.99
CA TYR A 297 3.24 25.67 -18.90
C TYR A 297 3.88 24.30 -19.11
N GLY A 298 4.22 23.64 -18.00
CA GLY A 298 4.76 22.28 -18.07
C GLY A 298 6.21 22.26 -18.49
N SER A 299 6.91 23.36 -18.25
CA SER A 299 8.32 23.48 -18.57
C SER A 299 9.13 23.68 -17.30
N THR A 300 10.27 22.99 -17.21
CA THR A 300 11.16 23.13 -16.06
C THR A 300 11.96 24.45 -16.09
N ASP A 301 12.00 25.11 -17.24
CA ASP A 301 12.67 26.41 -17.37
C ASP A 301 12.13 27.43 -16.36
N PRO A 302 13.03 27.96 -15.49
CA PRO A 302 12.59 28.91 -14.45
C PRO A 302 11.95 30.17 -14.99
N ALA A 303 12.38 30.63 -16.17
CA ALA A 303 11.75 31.78 -16.83
C ALA A 303 10.33 31.46 -17.30
N ALA A 304 10.13 30.25 -17.85
CA ALA A 304 8.79 29.78 -18.25
C ALA A 304 7.84 29.70 -17.06
N VAL A 305 8.36 29.21 -15.94
CA VAL A 305 7.60 29.12 -14.69
C VAL A 305 7.19 30.52 -14.22
N ALA A 306 8.15 31.45 -14.26
CA ALA A 306 7.91 32.86 -13.95
C ALA A 306 6.84 33.49 -14.85
N VAL A 307 6.86 33.17 -16.14
CA VAL A 307 5.82 33.63 -17.07
C VAL A 307 4.43 33.19 -16.60
N ILE A 308 4.33 31.93 -16.19
CA ILE A 308 3.05 31.37 -15.73
C ILE A 308 2.59 32.10 -14.47
N LYS A 309 3.49 32.27 -13.50
CA LYS A 309 3.16 33.00 -12.27
C LYS A 309 2.70 34.43 -12.56
N GLN A 310 3.36 35.08 -13.50
CA GLN A 310 2.98 36.43 -13.96
C GLN A 310 1.59 36.44 -14.60
N LEU A 311 1.31 35.45 -15.45
CA LEU A 311 0.00 35.30 -16.08
C LEU A 311 -1.11 35.13 -15.03
N TYR A 312 -0.84 34.30 -14.02
CA TYR A 312 -1.77 34.11 -12.90
C TYR A 312 -2.03 35.42 -12.15
N THR A 313 -0.94 36.16 -11.91
CA THR A 313 -1.03 37.43 -11.18
C THR A 313 -1.86 38.46 -11.96
N GLU A 314 -1.55 38.58 -13.26
CA GLU A 314 -2.24 39.49 -14.18
C GLU A 314 -3.73 39.16 -14.31
N GLN A 315 -4.06 37.88 -14.22
CA GLN A 315 -5.44 37.41 -14.33
C GLN A 315 -6.19 37.45 -12.97
N ASN A 316 -5.52 37.99 -11.96
CA ASN A 316 -6.08 38.21 -10.61
C ASN A 316 -6.52 36.92 -9.91
N LEU A 317 -5.73 35.86 -10.06
CA LEU A 317 -6.10 34.56 -9.50
C LEU A 317 -6.32 34.60 -7.99
N LEU A 318 -5.52 35.38 -7.26
CA LEU A 318 -5.68 35.48 -5.81
C LEU A 318 -7.01 36.12 -5.42
N ALA A 319 -7.41 37.15 -6.18
CA ALA A 319 -8.71 37.78 -5.99
C ALA A 319 -9.81 36.78 -6.30
N ARG A 320 -9.64 36.02 -7.39
CA ARG A 320 -10.61 34.99 -7.77
C ARG A 320 -10.72 33.89 -6.71
N PHE A 321 -9.58 33.53 -6.10
CA PHE A 321 -9.61 32.62 -4.96
C PHE A 321 -10.39 33.20 -3.78
N GLU A 322 -10.14 34.47 -3.46
CA GLU A 322 -10.85 35.13 -2.36
C GLU A 322 -12.37 35.11 -2.56
N GLU A 323 -12.80 35.27 -3.81
CA GLU A 323 -14.22 35.21 -4.13
CA GLU A 323 -14.22 35.20 -4.19
C GLU A 323 -14.79 33.78 -3.96
N TYR A 324 -14.03 32.78 -4.40
CA TYR A 324 -14.39 31.38 -4.17
C TYR A 324 -14.50 31.06 -2.68
N GLU A 325 -13.52 31.53 -1.91
CA GLU A 325 -13.46 31.38 -0.47
C GLU A 325 -14.70 31.97 0.23
N LYS A 326 -15.18 33.13 -0.24
CA LYS A 326 -16.41 33.72 0.30
C LYS A 326 -17.60 32.81 0.10
N ALA A 327 -17.71 32.22 -1.09
CA ALA A 327 -18.79 31.28 -1.42
C ALA A 327 -18.70 29.99 -0.57
N VAL A 328 -17.48 29.52 -0.33
CA VAL A 328 -17.25 28.36 0.53
C VAL A 328 -17.67 28.65 1.97
N VAL A 329 -17.24 29.79 2.50
CA VAL A 329 -17.65 30.24 3.84
C VAL A 329 -19.17 30.19 4.00
N ALA A 330 -19.88 30.78 3.04
CA ALA A 330 -21.34 30.81 3.03
C ALA A 330 -21.97 29.41 3.06
N GLU A 331 -21.45 28.51 2.22
CA GLU A 331 -21.95 27.14 2.16
C GLU A 331 -21.62 26.36 3.44
N VAL A 332 -20.38 26.45 3.90
CA VAL A 332 -19.95 25.76 5.13
C VAL A 332 -20.81 26.20 6.33
N GLU A 333 -21.00 27.50 6.47
CA GLU A 333 -21.81 28.03 7.58
C GLU A 333 -23.26 27.55 7.54
N GLN A 334 -23.85 27.49 6.33
CA GLN A 334 -25.19 26.93 6.14
CA GLN A 334 -25.18 26.93 6.13
C GLN A 334 -25.24 25.47 6.58
N LEU A 335 -24.28 24.67 6.10
CA LEU A 335 -24.20 23.25 6.42
C LEU A 335 -23.98 23.00 7.91
N ILE A 336 -23.13 23.80 8.54
CA ILE A 336 -22.90 23.71 9.98
C ILE A 336 -24.16 24.06 10.77
N ALA A 337 -24.88 25.10 10.32
CA ALA A 337 -26.11 25.54 10.99
C ALA A 337 -27.19 24.45 10.97
N ALA A 338 -27.26 23.71 9.86
CA ALA A 338 -28.18 22.59 9.74
C ALA A 338 -27.77 21.41 10.62
N LEU A 339 -26.47 21.13 10.71
CA LEU A 339 -25.96 20.14 11.65
C LEU A 339 -26.25 20.55 13.10
N GLU A 340 -26.10 21.83 13.40
CA GLU A 340 -26.30 22.37 14.75
C GLU A 340 -27.72 22.19 15.26
N ALA A 341 -28.70 22.28 14.35
CA ALA A 341 -30.11 22.06 14.68
C ALA A 341 -30.39 20.61 15.08
N GLN A 342 -29.51 19.70 14.65
CA GLN A 342 -29.66 18.27 14.90
C GLN A 342 -28.82 17.80 16.09
N ASN A 343 -27.54 18.14 16.08
CA ASN A 343 -26.65 17.84 17.21
C ASN A 343 -25.60 18.94 17.33
N ALA A 344 -25.75 19.76 18.35
CA ALA A 344 -24.95 20.97 18.53
C ALA A 344 -23.49 20.64 18.83
N ALA A 345 -23.27 19.58 19.62
CA ALA A 345 -21.91 19.13 19.97
C ALA A 345 -21.07 18.76 18.74
N PHE A 346 -21.65 17.96 17.83
CA PHE A 346 -20.94 17.60 16.60
C PHE A 346 -20.70 18.80 15.68
N ALA A 347 -21.73 19.63 15.51
CA ALA A 347 -21.59 20.87 14.75
C ALA A 347 -20.43 21.75 15.24
N ALA A 348 -20.26 21.83 16.56
CA ALA A 348 -19.15 22.58 17.15
C ALA A 348 -17.79 21.98 16.76
N SER A 349 -17.74 20.64 16.71
CA SER A 349 -16.49 19.97 16.33
C SER A 349 -16.15 20.21 14.86
N VAL A 350 -17.17 20.30 14.01
CA VAL A 350 -16.96 20.66 12.60
C VAL A 350 -16.46 22.12 12.51
N LYS A 351 -17.00 22.99 13.36
CA LYS A 351 -16.54 24.39 13.44
C LYS A 351 -15.04 24.48 13.78
N VAL A 352 -14.59 23.64 14.71
CA VAL A 352 -13.18 23.59 15.12
C VAL A 352 -12.30 23.22 13.92
N LEU A 353 -12.71 22.16 13.22
CA LEU A 353 -12.00 21.73 12.00
C LEU A 353 -11.98 22.83 10.94
N TRP A 354 -13.14 23.43 10.68
CA TRP A 354 -13.24 24.56 9.74
C TRP A 354 -12.36 25.76 10.11
N SER A 355 -12.29 26.06 11.40
CA SER A 355 -11.47 27.19 11.88
C SER A 355 -9.97 26.97 11.66
N LYS A 356 -9.55 25.71 11.66
CA LYS A 356 -8.15 25.38 11.39
C LYS A 356 -7.86 25.39 9.89
N THR A 357 -8.92 25.42 9.09
CA THR A 357 -8.83 25.32 7.63
C THR A 357 -8.92 26.71 6.98
N TYR A 358 -9.98 27.43 7.30
CA TYR A 358 -10.27 28.74 6.72
C TYR A 358 -9.11 29.72 6.87
N LYS A 359 -8.65 30.23 5.73
CA LYS A 359 -7.55 31.23 5.68
C LYS A 359 -6.24 30.78 6.32
N ARG A 360 -5.98 29.47 6.33
CA ARG A 360 -4.70 28.93 6.77
C ARG A 360 -3.57 29.46 5.87
N GLN A 361 -2.37 29.54 6.43
CA GLN A 361 -1.22 30.09 5.71
C GLN A 361 -0.19 29.03 5.31
N LYS A 362 -0.39 27.80 5.79
CA LYS A 362 0.44 26.65 5.43
C LYS A 362 -0.27 25.33 5.73
N FME B 1 -7.27 -28.19 -13.67
CN FME B 1 -6.74 -29.37 -14.18
O1 FME B 1 -7.18 -30.46 -13.86
CA FME B 1 -7.32 -28.19 -12.21
CB FME B 1 -6.46 -27.06 -11.64
CG FME B 1 -4.97 -27.42 -11.67
SD FME B 1 -3.96 -26.04 -11.24
CE FME B 1 -3.79 -25.04 -12.69
C FME B 1 -8.76 -28.06 -11.80
O FME B 1 -9.50 -27.32 -12.44
N ALA B 2 -9.15 -28.78 -10.75
CA ALA B 2 -10.56 -28.94 -10.39
C ALA B 2 -11.35 -27.63 -10.32
N HIS B 3 -10.75 -26.59 -9.75
CA HIS B 3 -11.45 -25.35 -9.48
C HIS B 3 -11.06 -24.19 -10.38
N MET B 4 -10.23 -24.46 -11.37
CA MET B 4 -9.76 -23.42 -12.29
C MET B 4 -10.88 -22.69 -13.01
N GLU B 5 -11.84 -23.45 -13.55
CA GLU B 5 -12.98 -22.86 -14.27
C GLU B 5 -13.79 -21.94 -13.36
N ARG B 6 -14.14 -22.44 -12.18
CA ARG B 6 -14.89 -21.66 -11.19
C ARG B 6 -14.11 -20.40 -10.80
N PHE B 7 -12.80 -20.57 -10.58
CA PHE B 7 -11.95 -19.48 -10.12
C PHE B 7 -11.88 -18.35 -11.15
N GLN B 8 -11.77 -18.71 -12.44
CA GLN B 8 -11.73 -17.70 -13.50
C GLN B 8 -13.08 -17.02 -13.72
N LYS B 9 -14.16 -17.74 -13.50
CA LYS B 9 -15.51 -17.18 -13.53
C LYS B 9 -15.67 -16.11 -12.44
N VAL B 10 -15.20 -16.42 -11.24
CA VAL B 10 -15.26 -15.45 -10.13
C VAL B 10 -14.37 -14.23 -10.41
N TYR B 11 -13.25 -14.42 -11.11
CA TYR B 11 -12.44 -13.27 -11.52
C TYR B 11 -13.29 -12.26 -12.29
N GLU B 12 -13.99 -12.75 -13.31
CA GLU B 12 -14.80 -11.88 -14.16
C GLU B 12 -15.85 -11.15 -13.34
N GLU B 13 -16.45 -11.87 -12.37
CA GLU B 13 -17.45 -11.31 -11.47
C GLU B 13 -16.87 -10.21 -10.57
N VAL B 14 -15.74 -10.51 -9.94
CA VAL B 14 -15.06 -9.55 -9.06
CA VAL B 14 -15.11 -9.52 -9.06
C VAL B 14 -14.60 -8.31 -9.83
N GLN B 15 -14.10 -8.54 -11.05
CA GLN B 15 -13.66 -7.41 -11.88
C GLN B 15 -14.84 -6.49 -12.21
N GLU B 16 -15.96 -7.07 -12.63
CA GLU B 16 -17.18 -6.31 -12.92
C GLU B 16 -17.63 -5.51 -11.70
N PHE B 17 -17.64 -6.17 -10.53
CA PHE B 17 -18.00 -5.47 -9.30
C PHE B 17 -17.10 -4.28 -9.00
N LEU B 18 -15.78 -4.51 -8.96
CA LEU B 18 -14.79 -3.49 -8.59
C LEU B 18 -14.86 -2.29 -9.53
N LEU B 19 -14.88 -2.55 -10.84
CA LEU B 19 -14.95 -1.47 -11.82
C LEU B 19 -16.28 -0.73 -11.76
N GLY B 20 -17.36 -1.48 -11.57
CA GLY B 20 -18.69 -0.90 -11.39
C GLY B 20 -18.82 -0.08 -10.12
N ASP B 21 -18.15 -0.51 -9.06
CA ASP B 21 -18.20 0.22 -7.79
C ASP B 21 -17.48 1.58 -7.93
N ALA B 22 -16.42 1.60 -8.73
CA ALA B 22 -15.69 2.84 -9.01
C ALA B 22 -16.53 3.83 -9.81
N GLU B 23 -17.32 3.32 -10.77
CA GLU B 23 -18.24 4.15 -11.53
C GLU B 23 -19.27 4.77 -10.61
N LYS B 24 -19.79 3.95 -9.70
CA LYS B 24 -20.82 4.35 -8.73
C LYS B 24 -20.30 5.37 -7.71
N ARG B 25 -19.10 5.14 -7.19
CA ARG B 25 -18.62 5.89 -6.03
C ARG B 25 -17.71 7.06 -6.37
N PHE B 26 -16.93 6.92 -7.44
CA PHE B 26 -15.82 7.84 -7.71
C PHE B 26 -15.92 8.54 -9.05
N GLU B 27 -17.11 8.49 -9.67
CA GLU B 27 -17.35 9.15 -10.96
C GLU B 27 -16.33 8.68 -12.03
N MET B 28 -16.03 7.38 -12.02
CA MET B 28 -15.05 6.80 -12.91
C MET B 28 -15.52 6.91 -14.37
N ASP B 29 -14.64 7.43 -15.22
CA ASP B 29 -14.94 7.58 -16.64
C ASP B 29 -14.58 6.32 -17.43
N VAL B 30 -15.13 6.21 -18.64
CA VAL B 30 -14.93 5.05 -19.51
C VAL B 30 -13.45 4.75 -19.78
N HIS B 31 -12.68 5.80 -20.03
CA HIS B 31 -11.27 5.63 -20.38
C HIS B 31 -10.42 5.11 -19.23
N ARG B 32 -10.62 5.66 -18.03
CA ARG B 32 -9.84 5.19 -16.88
C ARG B 32 -10.33 3.82 -16.37
N LYS B 33 -11.62 3.55 -16.55
CA LYS B 33 -12.17 2.21 -16.33
C LYS B 33 -11.46 1.18 -17.21
N GLY B 34 -11.31 1.49 -18.50
CA GLY B 34 -10.56 0.65 -19.44
C GLY B 34 -9.11 0.47 -19.02
N TYR B 35 -8.45 1.56 -18.65
CA TYR B 35 -7.11 1.49 -18.09
C TYR B 35 -7.05 0.53 -16.90
N LEU B 36 -7.97 0.71 -15.94
CA LEU B 36 -7.99 -0.12 -14.74
C LEU B 36 -8.28 -1.60 -15.03
N LYS B 37 -9.16 -1.89 -16.00
CA LYS B 37 -9.34 -3.27 -16.46
C LYS B 37 -8.05 -3.86 -17.02
N SER B 38 -7.37 -3.10 -17.89
CA SER B 38 -6.09 -3.55 -18.45
C SER B 38 -5.02 -3.75 -17.36
N MET B 39 -4.98 -2.83 -16.39
CA MET B 39 -4.08 -2.93 -15.25
C MET B 39 -4.35 -4.20 -14.44
N MET B 40 -5.62 -4.43 -14.11
CA MET B 40 -6.00 -5.61 -13.34
C MET B 40 -5.64 -6.91 -14.07
N ASP B 41 -5.98 -6.98 -15.35
CA ASP B 41 -5.71 -8.18 -16.16
C ASP B 41 -4.22 -8.47 -16.28
N THR B 42 -3.43 -7.42 -16.50
CA THR B 42 -1.99 -7.57 -16.74
C THR B 42 -1.26 -7.97 -15.46
N THR B 43 -1.68 -7.40 -14.33
CA THR B 43 -1.02 -7.61 -13.04
C THR B 43 -1.52 -8.82 -12.24
N CYS B 44 -2.78 -9.24 -12.46
CA CYS B 44 -3.40 -10.32 -11.68
C CYS B 44 -3.50 -11.65 -12.42
N LEU B 45 -3.38 -11.62 -13.74
CA LEU B 45 -3.49 -12.84 -14.55
C LEU B 45 -2.15 -13.25 -15.11
N GLY B 46 -2.04 -14.50 -15.55
CA GLY B 46 -0.80 -14.97 -16.18
C GLY B 46 0.13 -15.76 -15.28
N GLY B 47 -0.11 -15.71 -13.97
CA GLY B 47 0.66 -16.51 -13.02
C GLY B 47 0.11 -17.93 -12.92
N LYS B 48 0.61 -18.68 -11.95
CA LYS B 48 0.21 -20.08 -11.75
C LYS B 48 -1.08 -20.23 -10.94
N TYR B 49 -1.43 -19.19 -10.19
CA TYR B 49 -2.59 -19.19 -9.28
C TYR B 49 -2.49 -20.22 -8.14
N ASN B 50 -1.26 -20.59 -7.77
CA ASN B 50 -1.05 -21.51 -6.63
C ASN B 50 -1.73 -21.03 -5.35
N ARG B 51 -1.59 -19.73 -5.06
CA ARG B 51 -2.14 -19.16 -3.83
C ARG B 51 -3.66 -19.15 -3.85
N GLY B 52 -4.24 -18.59 -4.92
CA GLY B 52 -5.70 -18.48 -5.02
C GLY B 52 -6.39 -19.82 -5.02
N LEU B 53 -5.88 -20.74 -5.84
CA LEU B 53 -6.47 -22.08 -5.94
C LEU B 53 -6.36 -22.88 -4.64
N CYS B 54 -5.27 -22.67 -3.91
CA CYS B 54 -5.10 -23.31 -2.59
C CYS B 54 -6.28 -23.01 -1.66
N VAL B 55 -6.66 -21.74 -1.56
CA VAL B 55 -7.83 -21.35 -0.76
C VAL B 55 -9.04 -22.21 -1.11
N VAL B 56 -9.31 -22.36 -2.41
CA VAL B 56 -10.47 -23.13 -2.86
C VAL B 56 -10.31 -24.64 -2.57
N ASP B 57 -9.11 -25.17 -2.78
CA ASP B 57 -8.81 -26.58 -2.47
C ASP B 57 -9.03 -26.89 -0.99
N VAL B 58 -8.49 -26.02 -0.13
CA VAL B 58 -8.63 -26.18 1.32
C VAL B 58 -10.10 -26.09 1.74
N ALA B 59 -10.78 -25.05 1.26
CA ALA B 59 -12.19 -24.81 1.62
C ALA B 59 -13.10 -25.99 1.27
N GLU B 60 -12.95 -26.51 0.04
CA GLU B 60 -13.72 -27.66 -0.41
C GLU B 60 -13.43 -28.91 0.44
N ALA B 61 -12.15 -29.20 0.65
CA ALA B 61 -11.73 -30.33 1.49
C ALA B 61 -12.42 -30.28 2.85
N MET B 62 -12.37 -29.11 3.48
CA MET B 62 -12.91 -28.93 4.83
C MET B 62 -14.44 -28.93 4.85
N ALA B 63 -15.05 -28.35 3.82
CA ALA B 63 -16.51 -28.29 3.70
C ALA B 63 -17.11 -29.68 3.43
N LYS B 64 -16.44 -30.49 2.62
CA LYS B 64 -16.85 -31.87 2.37
C LYS B 64 -16.82 -32.68 3.66
N ASP B 65 -15.81 -32.38 4.49
CA ASP B 65 -15.61 -33.04 5.78
C ASP B 65 -16.70 -32.70 6.81
N THR B 66 -17.35 -31.56 6.64
CA THR B 66 -18.50 -31.18 7.47
C THR B 66 -19.80 -31.63 6.80
N GLN B 67 -20.91 -31.52 7.53
CA GLN B 67 -22.24 -31.71 6.95
C GLN B 67 -22.80 -30.35 6.54
N MET B 68 -23.19 -30.23 5.27
CA MET B 68 -23.85 -29.02 4.77
C MET B 68 -24.55 -29.27 3.44
N ASP B 69 -25.67 -28.59 3.22
CA ASP B 69 -26.44 -28.75 1.98
C ASP B 69 -25.76 -28.12 0.77
N ALA B 70 -26.33 -28.37 -0.40
CA ALA B 70 -25.80 -27.89 -1.67
C ALA B 70 -25.60 -26.37 -1.72
N ALA B 71 -26.59 -25.62 -1.24
CA ALA B 71 -26.53 -24.16 -1.21
C ALA B 71 -25.37 -23.64 -0.35
N ALA B 72 -25.14 -24.31 0.78
CA ALA B 72 -24.05 -23.96 1.69
C ALA B 72 -22.69 -24.27 1.06
N MET B 73 -22.60 -25.40 0.35
CA MET B 73 -21.37 -25.79 -0.34
C MET B 73 -21.00 -24.77 -1.42
N GLU B 74 -21.99 -24.37 -2.22
CA GLU B 74 -21.82 -23.35 -3.25
C GLU B 74 -21.31 -22.03 -2.67
N ARG B 75 -21.86 -21.64 -1.51
CA ARG B 75 -21.42 -20.41 -0.83
C ARG B 75 -19.96 -20.51 -0.40
N VAL B 76 -19.59 -21.62 0.26
CA VAL B 76 -18.20 -21.80 0.68
C VAL B 76 -17.25 -21.72 -0.52
N LEU B 77 -17.61 -22.39 -1.61
CA LEU B 77 -16.77 -22.38 -2.82
C LEU B 77 -16.63 -20.99 -3.44
N HIS B 78 -17.74 -20.26 -3.57
CA HIS B 78 -17.69 -18.89 -4.09
C HIS B 78 -16.86 -17.98 -3.17
N ASP B 79 -17.09 -18.07 -1.85
CA ASP B 79 -16.35 -17.29 -0.87
C ASP B 79 -14.87 -17.61 -0.96
N ALA B 80 -14.56 -18.91 -1.11
CA ALA B 80 -13.17 -19.36 -1.24
C ALA B 80 -12.48 -18.75 -2.46
N CYS B 81 -13.18 -18.70 -3.60
CA CYS B 81 -12.64 -18.08 -4.81
C CYS B 81 -12.38 -16.59 -4.62
N VAL B 82 -13.29 -15.91 -3.93
CA VAL B 82 -13.11 -14.49 -3.61
C VAL B 82 -11.86 -14.31 -2.76
N CYS B 83 -11.74 -15.10 -1.70
CA CYS B 83 -10.54 -15.10 -0.84
C CYS B 83 -9.27 -15.38 -1.63
N GLY B 84 -9.36 -16.36 -2.54
CA GLY B 84 -8.26 -16.66 -3.46
C GLY B 84 -7.81 -15.46 -4.25
N TRP B 85 -8.78 -14.70 -4.76
CA TRP B 85 -8.49 -13.49 -5.54
C TRP B 85 -7.96 -12.33 -4.70
N MET B 86 -8.37 -12.27 -3.44
CA MET B 86 -7.74 -11.35 -2.48
C MET B 86 -6.23 -11.58 -2.44
N ILE B 87 -5.82 -12.85 -2.33
CA ILE B 87 -4.40 -13.18 -2.23
C ILE B 87 -3.68 -12.96 -3.56
N GLU B 88 -4.34 -13.31 -4.67
CA GLU B 88 -3.77 -13.08 -6.00
C GLU B 88 -3.57 -11.58 -6.25
N MET B 89 -4.51 -10.77 -5.75
CA MET B 89 -4.39 -9.32 -5.88
C MET B 89 -3.33 -8.73 -4.94
N LEU B 90 -3.16 -9.35 -3.77
CA LEU B 90 -2.04 -9.00 -2.89
C LEU B 90 -0.70 -9.33 -3.56
N GLN B 91 -0.63 -10.53 -4.16
CA GLN B 91 0.50 -10.92 -4.99
C GLN B 91 0.72 -9.90 -6.12
N ALA B 92 -0.34 -9.57 -6.83
CA ALA B 92 -0.27 -8.57 -7.92
C ALA B 92 0.34 -7.26 -7.44
N HIS B 93 -0.16 -6.78 -6.30
CA HIS B 93 0.34 -5.58 -5.62
C HIS B 93 1.84 -5.68 -5.34
N PHE B 94 2.27 -6.76 -4.68
CA PHE B 94 3.68 -6.96 -4.33
C PHE B 94 4.56 -6.96 -5.57
N LEU B 95 4.11 -7.62 -6.64
CA LEU B 95 4.95 -7.76 -7.84
C LEU B 95 5.09 -6.46 -8.63
N VAL B 96 4.00 -5.68 -8.71
CA VAL B 96 4.05 -4.33 -9.32
C VAL B 96 5.13 -3.50 -8.61
N GLU B 97 5.06 -3.46 -7.28
CA GLU B 97 6.00 -2.66 -6.50
C GLU B 97 7.39 -3.26 -6.53
N ASP B 98 7.50 -4.59 -6.44
CA ASP B 98 8.81 -5.25 -6.52
C ASP B 98 9.53 -4.98 -7.85
N ASP B 99 8.80 -5.08 -8.97
CA ASP B 99 9.39 -4.86 -10.28
C ASP B 99 9.96 -3.45 -10.42
N ILE B 100 9.29 -2.46 -9.83
CA ILE B 100 9.80 -1.10 -9.75
C ILE B 100 11.08 -1.05 -8.90
N MET B 101 11.02 -1.64 -7.72
CA MET B 101 12.14 -1.63 -6.78
C MET B 101 13.36 -2.36 -7.33
N ASP B 102 13.11 -3.46 -8.03
CA ASP B 102 14.19 -4.26 -8.62
C ASP B 102 14.66 -3.76 -10.00
N HIS B 103 13.96 -2.75 -10.51
N HIS B 103 13.99 -2.73 -10.54
CA HIS B 103 14.16 -2.20 -11.85
CA HIS B 103 14.29 -2.22 -11.89
C HIS B 103 14.22 -3.36 -12.87
C HIS B 103 14.20 -3.34 -12.93
N SER B 104 13.19 -4.20 -12.83
CA SER B 104 13.12 -5.41 -13.65
C SER B 104 12.52 -5.18 -15.04
N LYS B 105 12.73 -6.14 -15.94
CA LYS B 105 12.31 -6.00 -17.33
C LYS B 105 11.03 -6.75 -17.70
N THR B 106 10.93 -8.00 -17.23
CA THR B 106 9.82 -8.88 -17.61
C THR B 106 9.17 -9.55 -16.39
N ARG B 107 7.89 -9.84 -16.53
CA ARG B 107 7.10 -10.55 -15.52
C ARG B 107 6.03 -11.34 -16.25
N ARG B 108 5.95 -12.64 -15.95
CA ARG B 108 4.98 -13.56 -16.58
C ARG B 108 4.98 -13.48 -18.12
N GLY B 109 6.17 -13.36 -18.70
CA GLY B 109 6.34 -13.34 -20.18
C GLY B 109 6.03 -12.03 -20.88
N LYS B 110 5.80 -10.96 -20.10
CA LYS B 110 5.44 -9.65 -20.63
C LYS B 110 6.33 -8.58 -20.01
N PRO B 111 6.38 -7.37 -20.60
CA PRO B 111 7.10 -6.31 -19.90
C PRO B 111 6.47 -6.07 -18.53
N CYS B 112 7.30 -5.71 -17.55
CA CYS B 112 6.81 -5.34 -16.22
C CYS B 112 5.79 -4.21 -16.35
N TRP B 113 4.86 -4.13 -15.41
CA TRP B 113 3.79 -3.13 -15.51
C TRP B 113 4.31 -1.70 -15.64
N TYR B 114 5.24 -1.30 -14.78
CA TYR B 114 5.78 0.06 -14.81
C TYR B 114 6.54 0.33 -16.12
N LEU B 115 7.02 -0.74 -16.76
CA LEU B 115 7.75 -0.63 -18.03
C LEU B 115 6.87 -0.50 -19.26
N HIS B 116 5.56 -0.72 -19.10
CA HIS B 116 4.61 -0.40 -20.16
C HIS B 116 4.75 1.11 -20.43
N PRO B 117 4.96 1.49 -21.71
CA PRO B 117 5.32 2.87 -22.08
C PRO B 117 4.29 3.90 -21.63
N GLY B 118 3.01 3.52 -21.64
CA GLY B 118 1.92 4.38 -21.16
C GLY B 118 1.70 4.36 -19.65
N VAL B 119 2.60 3.74 -18.90
CA VAL B 119 2.48 3.66 -17.44
C VAL B 119 3.58 4.48 -16.75
N THR B 120 4.78 3.91 -16.67
CA THR B 120 5.96 4.47 -15.94
C THR B 120 5.85 4.20 -14.43
N ALA B 121 6.98 4.21 -13.72
CA ALA B 121 6.99 3.93 -12.29
C ALA B 121 6.17 4.95 -11.51
N GLN B 122 6.16 6.18 -12.01
CA GLN B 122 5.43 7.32 -11.47
C GLN B 122 3.90 7.09 -11.36
N VAL B 123 3.37 6.25 -12.25
CA VAL B 123 1.95 5.92 -12.22
C VAL B 123 1.76 4.54 -11.57
N ALA B 124 2.63 3.59 -11.92
CA ALA B 124 2.58 2.21 -11.45
C ALA B 124 2.67 2.05 -9.92
N ILE B 125 3.44 2.91 -9.24
CA ILE B 125 3.49 2.86 -7.77
C ILE B 125 2.05 2.94 -7.22
N ASN B 126 1.28 3.90 -7.72
CA ASN B 126 -0.12 4.05 -7.30
C ASN B 126 -1.04 2.94 -7.80
N ASP B 127 -0.83 2.46 -9.03
CA ASP B 127 -1.56 1.28 -9.52
C ASP B 127 -1.42 0.09 -8.56
N GLY B 128 -0.21 -0.10 -8.03
CA GLY B 128 0.03 -1.11 -6.98
C GLY B 128 -0.81 -0.90 -5.73
N LEU B 129 -0.97 0.36 -5.33
CA LEU B 129 -1.77 0.69 -4.15
C LEU B 129 -3.25 0.42 -4.39
N ILE B 130 -3.71 0.70 -5.61
CA ILE B 130 -5.08 0.37 -6.02
C ILE B 130 -5.33 -1.14 -5.87
N LEU B 131 -4.38 -1.96 -6.33
CA LEU B 131 -4.50 -3.41 -6.24
C LEU B 131 -4.67 -3.87 -4.79
N LEU B 132 -3.83 -3.33 -3.91
CA LEU B 132 -3.90 -3.65 -2.49
C LEU B 132 -5.26 -3.28 -1.92
N ALA B 133 -5.73 -2.08 -2.23
CA ALA B 133 -7.03 -1.59 -1.77
C ALA B 133 -8.20 -2.46 -2.26
N TRP B 134 -8.17 -2.83 -3.54
CA TRP B 134 -9.17 -3.75 -4.11
C TRP B 134 -9.30 -5.07 -3.34
N ALA B 135 -8.17 -5.63 -2.89
CA ALA B 135 -8.21 -6.89 -2.13
C ALA B 135 -9.12 -6.78 -0.89
N THR B 136 -8.93 -5.74 -0.10
CA THR B 136 -9.80 -5.50 1.05
C THR B 136 -11.25 -5.18 0.65
N GLN B 137 -11.42 -4.44 -0.44
CA GLN B 137 -12.76 -4.15 -0.98
C GLN B 137 -13.56 -5.43 -1.26
N MET B 138 -12.90 -6.45 -1.80
CA MET B 138 -13.55 -7.73 -2.04
C MET B 138 -14.11 -8.36 -0.76
N ALA B 139 -13.32 -8.36 0.31
CA ALA B 139 -13.79 -8.87 1.61
C ALA B 139 -14.96 -8.05 2.13
N LEU B 140 -14.80 -6.72 2.12
CA LEU B 140 -15.81 -5.81 2.65
C LEU B 140 -17.15 -5.98 1.95
N HIS B 141 -17.11 -6.20 0.63
CA HIS B 141 -18.32 -6.42 -0.14
C HIS B 141 -18.90 -7.83 -0.04
N TYR B 142 -18.12 -8.83 -0.47
CA TYR B 142 -18.60 -10.22 -0.53
C TYR B 142 -18.84 -10.86 0.84
N PHE B 143 -18.07 -10.44 1.84
CA PHE B 143 -18.19 -11.02 3.17
C PHE B 143 -18.85 -10.08 4.19
N ALA B 144 -19.60 -9.10 3.67
CA ALA B 144 -20.27 -8.10 4.52
C ALA B 144 -21.13 -8.73 5.62
N ASP B 145 -21.69 -9.90 5.37
CA ASP B 145 -22.55 -10.54 6.37
C ASP B 145 -22.04 -11.90 6.83
N ARG B 146 -20.76 -12.18 6.58
CA ARG B 146 -20.16 -13.45 6.98
C ARG B 146 -19.48 -13.33 8.34
N PRO B 147 -19.54 -14.40 9.16
CA PRO B 147 -18.94 -14.34 10.49
C PRO B 147 -17.42 -14.21 10.44
N PHE B 148 -16.80 -14.65 9.34
CA PHE B 148 -15.34 -14.65 9.21
C PHE B 148 -14.74 -13.37 8.65
N LEU B 149 -15.56 -12.36 8.38
CA LEU B 149 -15.04 -11.08 7.84
C LEU B 149 -13.92 -10.50 8.69
N ALA B 150 -14.15 -10.37 9.99
CA ALA B 150 -13.16 -9.78 10.91
C ALA B 150 -11.83 -10.55 10.90
N GLU B 151 -11.90 -11.88 10.96
N GLU B 151 -11.91 -11.88 10.97
CA GLU B 151 -10.70 -12.73 10.99
CA GLU B 151 -10.72 -12.74 10.98
C GLU B 151 -9.95 -12.75 9.66
C GLU B 151 -9.95 -12.72 9.66
N VAL B 152 -10.69 -12.69 8.56
CA VAL B 152 -10.11 -12.55 7.21
C VAL B 152 -9.33 -11.24 7.09
N LEU B 153 -9.92 -10.12 7.53
CA LEU B 153 -9.23 -8.83 7.52
C LEU B 153 -7.99 -8.86 8.41
N ARG B 154 -8.11 -9.47 9.59
CA ARG B 154 -6.97 -9.54 10.53
C ARG B 154 -5.79 -10.31 9.95
N VAL B 155 -6.05 -11.52 9.44
CA VAL B 155 -4.97 -12.36 8.91
C VAL B 155 -4.36 -11.76 7.64
N PHE B 156 -5.22 -11.20 6.78
CA PHE B 156 -4.75 -10.58 5.54
C PHE B 156 -3.80 -9.42 5.85
N HIS B 157 -4.21 -8.54 6.74
CA HIS B 157 -3.39 -7.37 7.05
C HIS B 157 -2.15 -7.67 7.88
N ASP B 158 -2.25 -8.69 8.75
CA ASP B 158 -1.06 -9.20 9.45
C ASP B 158 -0.04 -9.72 8.45
N VAL B 159 -0.50 -10.50 7.47
CA VAL B 159 0.40 -11.05 6.45
C VAL B 159 0.96 -9.92 5.55
N ASP B 160 0.12 -8.93 5.24
CA ASP B 160 0.62 -7.75 4.52
C ASP B 160 1.80 -7.10 5.26
N LEU B 161 1.63 -6.83 6.54
CA LEU B 161 2.71 -6.27 7.34
C LEU B 161 3.95 -7.17 7.32
N THR B 162 3.73 -8.46 7.58
CA THR B 162 4.80 -9.45 7.65
C THR B 162 5.65 -9.39 6.39
N THR B 163 4.98 -9.34 5.24
CA THR B 163 5.65 -9.36 3.94
C THR B 163 6.47 -8.08 3.69
N THR B 164 5.91 -6.91 4.04
CA THR B 164 6.65 -5.64 3.94
C THR B 164 7.91 -5.63 4.84
N ILE B 165 7.84 -6.30 5.99
CA ILE B 165 9.03 -6.42 6.86
C ILE B 165 10.06 -7.37 6.25
N GLY B 166 9.58 -8.46 5.67
CA GLY B 166 10.45 -9.36 4.89
C GLY B 166 11.13 -8.62 3.75
N GLN B 167 10.37 -7.79 3.04
CA GLN B 167 10.92 -6.95 1.98
C GLN B 167 11.95 -5.95 2.48
N LEU B 168 11.71 -5.37 3.67
CA LEU B 168 12.72 -4.53 4.32
C LEU B 168 14.03 -5.30 4.48
N TYR B 169 13.96 -6.52 5.02
CA TYR B 169 15.14 -7.38 5.17
C TYR B 169 15.81 -7.63 3.84
N ASP B 170 15.01 -7.86 2.81
CA ASP B 170 15.52 -8.09 1.45
C ASP B 170 16.31 -6.89 0.90
N VAL B 171 15.69 -5.70 0.95
CA VAL B 171 16.27 -4.52 0.30
C VAL B 171 17.46 -3.92 1.06
N THR B 172 17.58 -4.25 2.35
CA THR B 172 18.66 -3.77 3.20
C THR B 172 19.75 -4.83 3.49
N SER B 173 19.73 -5.92 2.74
CA SER B 173 20.59 -7.07 3.03
C SER B 173 21.97 -7.00 2.36
N MET B 174 22.16 -6.05 1.45
CA MET B 174 23.43 -5.93 0.70
C MET B 174 24.38 -4.91 1.29
N VAL B 175 23.91 -4.18 2.29
CA VAL B 175 24.73 -3.24 3.04
C VAL B 175 24.87 -3.81 4.46
N ASP B 176 26.06 -3.71 5.03
CA ASP B 176 26.29 -4.16 6.40
C ASP B 176 25.30 -3.44 7.33
N SER B 177 24.58 -4.22 8.13
CA SER B 177 23.47 -3.69 8.93
C SER B 177 23.90 -2.60 9.92
N ALA B 178 25.13 -2.71 10.42
CA ALA B 178 25.69 -1.69 11.31
C ALA B 178 25.85 -0.35 10.59
N LYS B 179 25.93 -0.38 9.25
CA LYS B 179 26.11 0.83 8.45
C LYS B 179 24.78 1.45 7.99
N LEU B 180 23.68 0.71 8.17
CA LEU B 180 22.36 1.19 7.75
C LEU B 180 22.02 2.48 8.47
N ASP B 181 21.88 3.55 7.70
CA ASP B 181 21.65 4.89 8.23
C ASP B 181 20.97 5.71 7.15
N ALA B 182 19.76 6.20 7.43
CA ALA B 182 19.00 6.95 6.42
C ALA B 182 19.74 8.18 5.89
N LYS B 183 20.50 8.84 6.76
CA LYS B 183 21.21 10.08 6.43
C LYS B 183 22.46 9.86 5.57
N VAL B 184 23.02 8.65 5.59
CA VAL B 184 24.31 8.41 4.93
C VAL B 184 24.21 7.27 3.91
N ALA B 185 24.59 7.55 2.67
CA ALA B 185 24.70 6.50 1.67
C ALA B 185 25.88 5.59 2.01
N HIS B 186 25.75 4.31 1.72
CA HIS B 186 26.85 3.38 1.88
C HIS B 186 26.93 2.45 0.70
N ALA B 187 28.17 2.12 0.32
CA ALA B 187 28.41 1.11 -0.70
C ALA B 187 27.91 -0.23 -0.19
N ASN B 188 27.54 -1.11 -1.12
CA ASN B 188 27.21 -2.49 -0.81
C ASN B 188 28.41 -3.18 -0.14
N THR B 189 28.15 -4.25 0.62
CA THR B 189 29.20 -4.98 1.31
C THR B 189 30.31 -5.44 0.35
N THR B 190 31.53 -5.53 0.87
CA THR B 190 32.65 -6.08 0.12
C THR B 190 33.10 -7.43 0.68
N ASP B 191 32.71 -7.72 1.94
CA ASP B 191 33.14 -8.92 2.65
CA ASP B 191 33.15 -8.95 2.59
C ASP B 191 32.03 -9.95 2.86
N TYR B 192 30.76 -9.51 2.71
CA TYR B 192 29.61 -10.42 2.76
C TYR B 192 29.47 -11.21 4.07
N VAL B 193 29.91 -10.61 5.18
CA VAL B 193 29.90 -11.29 6.48
C VAL B 193 28.47 -11.70 6.92
N GLU B 194 27.49 -10.90 6.52
CA GLU B 194 26.09 -11.14 6.91
C GLU B 194 25.30 -12.03 5.93
N TYR B 195 25.99 -12.61 4.94
CA TYR B 195 25.33 -13.49 3.98
C TYR B 195 25.31 -14.91 4.56
N THR B 196 24.50 -15.08 5.59
CA THR B 196 24.49 -16.29 6.40
C THR B 196 23.18 -17.06 6.19
N PRO B 197 23.19 -18.38 6.48
CA PRO B 197 21.97 -19.18 6.45
C PRO B 197 20.83 -18.56 7.26
N PHE B 198 21.14 -18.08 8.47
CA PHE B 198 20.13 -17.42 9.33
C PHE B 198 19.50 -16.19 8.67
N ASN B 199 20.34 -15.33 8.10
CA ASN B 199 19.85 -14.11 7.46
C ASN B 199 19.06 -14.38 6.19
N HIS B 200 19.49 -15.37 5.40
CA HIS B 200 18.70 -15.78 4.23
C HIS B 200 17.34 -16.32 4.65
N ARG B 201 17.32 -17.17 5.69
CA ARG B 201 16.09 -17.77 6.19
C ARG B 201 15.12 -16.68 6.67
N ARG B 202 15.66 -15.69 7.40
CA ARG B 202 14.83 -14.58 7.88
C ARG B 202 14.18 -13.82 6.72
N ILE B 203 14.98 -13.50 5.70
CA ILE B 203 14.42 -12.85 4.50
C ILE B 203 13.27 -13.65 3.88
N VAL B 204 13.52 -14.91 3.54
CA VAL B 204 12.56 -15.69 2.76
C VAL B 204 11.28 -16.06 3.52
N VAL B 205 11.43 -16.38 4.81
CA VAL B 205 10.28 -16.73 5.65
C VAL B 205 9.27 -15.56 5.69
N TYR B 206 9.77 -14.35 5.93
CA TYR B 206 8.88 -13.21 6.05
C TYR B 206 8.43 -12.61 4.72
N LYS B 207 9.30 -12.58 3.71
CA LYS B 207 8.91 -12.00 2.41
C LYS B 207 8.06 -12.94 1.56
N THR B 208 8.11 -14.25 1.83
CA THR B 208 7.45 -15.22 0.96
C THR B 208 6.53 -16.23 1.66
N ALA B 209 7.02 -16.87 2.72
CA ALA B 209 6.31 -18.00 3.32
C ALA B 209 4.92 -17.64 3.87
N TYR B 210 4.83 -16.49 4.55
CA TYR B 210 3.56 -16.07 5.13
C TYR B 210 2.46 -15.83 4.09
N TYR B 211 2.76 -15.12 3.02
CA TYR B 211 1.72 -14.81 2.04
C TYR B 211 1.49 -15.90 0.99
N THR B 212 2.49 -16.74 0.77
CA THR B 212 2.40 -17.75 -0.28
C THR B 212 1.90 -19.10 0.26
N TYR B 213 2.27 -19.42 1.50
CA TYR B 213 1.89 -20.72 2.10
C TYR B 213 0.94 -20.61 3.28
N TRP B 214 1.25 -19.75 4.25
CA TRP B 214 0.41 -19.65 5.44
C TRP B 214 -0.95 -19.03 5.15
N LEU B 215 -0.96 -17.89 4.47
CA LEU B 215 -2.21 -17.17 4.20
C LEU B 215 -3.28 -17.96 3.42
N PRO B 216 -2.90 -18.63 2.31
CA PRO B 216 -3.90 -19.44 1.58
C PRO B 216 -4.51 -20.57 2.41
N LEU B 217 -3.69 -21.28 3.18
CA LEU B 217 -4.18 -22.32 4.08
C LEU B 217 -5.18 -21.76 5.10
N VAL B 218 -4.79 -20.69 5.79
CA VAL B 218 -5.65 -20.08 6.82
C VAL B 218 -6.95 -19.51 6.26
N MET B 219 -6.90 -18.87 5.09
CA MET B 219 -8.11 -18.34 4.46
CA MET B 219 -8.11 -18.36 4.47
C MET B 219 -9.06 -19.47 4.06
N GLY B 220 -8.52 -20.58 3.57
CA GLY B 220 -9.32 -21.75 3.24
C GLY B 220 -10.07 -22.26 4.46
N LEU B 221 -9.38 -22.27 5.61
CA LEU B 221 -9.96 -22.67 6.88
C LEU B 221 -11.02 -21.67 7.35
N LEU B 222 -10.72 -20.38 7.25
CA LEU B 222 -11.64 -19.33 7.67
C LEU B 222 -12.96 -19.33 6.91
N VAL B 223 -12.91 -19.43 5.58
CA VAL B 223 -14.16 -19.38 4.77
C VAL B 223 -15.03 -20.64 4.95
N SER B 224 -14.41 -21.75 5.34
CA SER B 224 -15.14 -23.00 5.56
C SER B 224 -15.54 -23.18 7.03
N GLY B 225 -15.12 -22.25 7.88
CA GLY B 225 -15.46 -22.26 9.32
C GLY B 225 -14.80 -23.40 10.09
N THR B 226 -13.58 -23.74 9.70
CA THR B 226 -12.91 -24.91 10.28
C THR B 226 -11.52 -24.62 10.86
N LEU B 227 -11.19 -23.34 11.04
CA LEU B 227 -9.88 -22.97 11.58
C LEU B 227 -9.56 -23.66 12.90
N GLU B 228 -10.57 -23.79 13.75
CA GLU B 228 -10.38 -24.38 15.07
C GLU B 228 -10.30 -25.91 15.06
N LYS B 229 -10.48 -26.53 13.90
CA LYS B 229 -10.40 -27.98 13.79
C LYS B 229 -8.98 -28.46 13.44
N VAL B 230 -8.05 -27.53 13.27
CA VAL B 230 -6.67 -27.86 12.92
C VAL B 230 -5.65 -27.33 13.94
N ASP B 231 -4.50 -28.00 14.01
CA ASP B 231 -3.40 -27.61 14.87
C ASP B 231 -2.73 -26.36 14.27
N LYS B 232 -2.95 -25.22 14.92
CA LYS B 232 -2.46 -23.92 14.49
C LYS B 232 -0.93 -23.86 14.39
N LYS B 233 -0.27 -24.35 15.43
CA LYS B 233 1.19 -24.40 15.52
C LYS B 233 1.78 -25.28 14.40
N ALA B 234 1.21 -26.46 14.21
CA ALA B 234 1.68 -27.39 13.17
C ALA B 234 1.47 -26.85 11.75
N THR B 235 0.34 -26.18 11.55
CA THR B 235 0.02 -25.59 10.25
C THR B 235 1.03 -24.49 9.91
N HIS B 236 1.31 -23.64 10.90
CA HIS B 236 2.31 -22.61 10.73
C HIS B 236 3.68 -23.20 10.36
N LYS B 237 4.09 -24.24 11.08
CA LYS B 237 5.41 -24.86 10.87
C LYS B 237 5.55 -25.42 9.46
N VAL B 238 4.56 -26.17 9.00
CA VAL B 238 4.65 -26.74 7.66
C VAL B 238 4.61 -25.62 6.58
N ALA B 239 3.83 -24.56 6.83
CA ALA B 239 3.82 -23.41 5.93
C ALA B 239 5.20 -22.76 5.83
N MET B 240 5.90 -22.62 6.97
CA MET B 240 7.24 -22.02 6.94
C MET B 240 8.25 -22.88 6.17
N VAL B 241 8.21 -24.20 6.38
CA VAL B 241 9.14 -25.12 5.73
C VAL B 241 8.94 -25.14 4.21
N MET B 242 7.69 -25.28 3.77
CA MET B 242 7.35 -25.27 2.33
C MET B 242 7.67 -23.92 1.69
N GLY B 243 7.35 -22.84 2.40
CA GLY B 243 7.58 -21.47 1.92
C GLY B 243 9.06 -21.12 1.79
N GLU B 244 9.85 -21.50 2.77
CA GLU B 244 11.31 -21.36 2.66
C GLU B 244 11.82 -22.09 1.40
N TYR B 245 11.43 -23.35 1.25
CA TYR B 245 11.79 -24.15 0.08
C TYR B 245 11.33 -23.51 -1.26
N PHE B 246 10.09 -23.04 -1.29
CA PHE B 246 9.57 -22.34 -2.48
C PHE B 246 10.46 -21.14 -2.88
N GLN B 247 10.90 -20.35 -1.89
CA GLN B 247 11.77 -19.22 -2.21
C GLN B 247 13.17 -19.66 -2.60
N VAL B 248 13.67 -20.72 -1.94
CA VAL B 248 14.96 -21.31 -2.33
C VAL B 248 14.90 -21.71 -3.81
N GLN B 249 13.80 -22.37 -4.21
CA GLN B 249 13.57 -22.70 -5.63
C GLN B 249 13.66 -21.46 -6.51
N ASP B 250 12.93 -20.41 -6.11
CA ASP B 250 12.96 -19.13 -6.83
C ASP B 250 14.40 -18.63 -6.98
N ASP B 251 15.17 -18.66 -5.89
CA ASP B 251 16.57 -18.23 -5.88
C ASP B 251 17.43 -19.05 -6.86
N VAL B 252 17.26 -20.37 -6.82
CA VAL B 252 18.02 -21.28 -7.71
C VAL B 252 17.70 -21.02 -9.18
N MET B 253 16.41 -20.87 -9.49
CA MET B 253 15.96 -20.63 -10.87
C MET B 253 16.40 -19.30 -11.47
N ASP B 254 16.59 -18.28 -10.61
CA ASP B 254 17.13 -16.98 -11.02
C ASP B 254 18.44 -17.16 -11.82
N CYS B 255 19.28 -18.06 -11.33
CA CYS B 255 20.56 -18.33 -11.97
C CYS B 255 20.43 -19.38 -13.07
N PHE B 256 19.73 -20.47 -12.78
CA PHE B 256 19.82 -21.69 -13.59
C PHE B 256 18.65 -22.02 -14.54
N THR B 257 17.54 -21.30 -14.45
CA THR B 257 16.41 -21.51 -15.37
C THR B 257 16.42 -20.41 -16.43
N PRO B 258 16.34 -20.78 -17.73
CA PRO B 258 16.23 -19.76 -18.76
C PRO B 258 15.08 -18.79 -18.47
N PRO B 259 15.32 -17.47 -18.60
CA PRO B 259 14.25 -16.48 -18.36
C PRO B 259 13.00 -16.70 -19.21
N GLU B 260 13.15 -17.24 -20.42
CA GLU B 260 12.01 -17.50 -21.31
C GLU B 260 11.07 -18.56 -20.73
N LYS B 261 11.64 -19.56 -20.06
CA LYS B 261 10.85 -20.57 -19.35
C LYS B 261 10.29 -19.96 -18.07
N LEU B 262 11.11 -19.20 -17.37
CA LEU B 262 10.72 -18.63 -16.08
C LEU B 262 9.68 -17.49 -16.22
N GLY B 263 9.73 -16.78 -17.34
CA GLY B 263 8.82 -15.65 -17.59
C GLY B 263 9.26 -14.35 -16.95
N LYS B 264 10.48 -14.34 -16.40
CA LYS B 264 11.04 -13.16 -15.73
C LYS B 264 12.57 -13.21 -15.81
N ILE B 265 13.21 -12.03 -15.79
CA ILE B 265 14.67 -11.94 -15.85
C ILE B 265 15.22 -11.51 -14.50
N GLY B 266 15.69 -12.49 -13.73
CA GLY B 266 16.25 -12.20 -12.41
C GLY B 266 17.62 -11.55 -12.53
N THR B 267 17.91 -10.64 -11.61
CA THR B 267 19.22 -10.00 -11.57
C THR B 267 19.83 -10.13 -10.18
N ASP B 268 19.60 -11.28 -9.52
CA ASP B 268 20.15 -11.49 -8.18
C ASP B 268 21.67 -11.28 -8.17
N ILE B 269 22.35 -11.82 -9.17
CA ILE B 269 23.82 -11.72 -9.25
C ILE B 269 24.27 -10.27 -9.43
N GLU B 270 23.69 -9.58 -10.40
CA GLU B 270 23.99 -8.16 -10.64
C GLU B 270 23.71 -7.27 -9.43
N ASP B 271 22.68 -7.61 -8.65
CA ASP B 271 22.23 -6.77 -7.54
C ASP B 271 22.80 -7.23 -6.21
N ALA B 272 23.75 -8.15 -6.27
CA ALA B 272 24.42 -8.70 -5.08
C ALA B 272 23.44 -9.21 -4.03
N LYS B 273 22.39 -9.88 -4.48
CA LYS B 273 21.33 -10.37 -3.59
C LYS B 273 21.80 -11.48 -2.65
N CYS B 274 21.27 -11.46 -1.43
CA CYS B 274 21.53 -12.51 -0.44
C CYS B 274 20.63 -13.70 -0.75
N SER B 275 20.93 -14.36 -1.87
CA SER B 275 20.16 -15.50 -2.35
C SER B 275 20.65 -16.81 -1.74
N TRP B 276 19.85 -17.86 -1.85
CA TRP B 276 20.27 -19.19 -1.35
C TRP B 276 21.59 -19.63 -2.00
N LEU B 277 21.73 -19.38 -3.29
CA LEU B 277 22.96 -19.70 -4.00
C LEU B 277 24.16 -18.96 -3.42
N ALA B 278 24.03 -17.65 -3.21
CA ALA B 278 25.12 -16.82 -2.67
C ALA B 278 25.55 -17.28 -1.29
N VAL B 279 24.58 -17.50 -0.40
CA VAL B 279 24.84 -17.96 0.96
C VAL B 279 25.45 -19.37 0.99
N THR B 280 24.89 -20.28 0.19
CA THR B 280 25.39 -21.65 0.15
C THR B 280 26.81 -21.68 -0.41
N PHE B 281 27.06 -20.92 -1.48
CA PHE B 281 28.41 -20.83 -2.05
C PHE B 281 29.43 -20.31 -1.03
N LEU B 282 29.11 -19.16 -0.42
CA LEU B 282 30.03 -18.48 0.51
C LEU B 282 30.39 -19.33 1.72
N THR B 283 29.44 -20.14 2.21
CA THR B 283 29.65 -20.98 3.39
C THR B 283 30.23 -22.36 3.08
N THR B 284 30.34 -22.72 1.80
CA THR B 284 30.88 -24.05 1.44
C THR B 284 32.12 -24.04 0.54
N ALA B 285 32.31 -22.96 -0.24
CA ALA B 285 33.40 -22.91 -1.21
C ALA B 285 34.78 -22.70 -0.59
N PRO B 286 35.85 -23.18 -1.28
CA PRO B 286 37.20 -22.91 -0.77
C PRO B 286 37.55 -21.43 -0.83
N ALA B 287 38.54 -21.04 -0.02
CA ALA B 287 38.87 -19.64 0.24
C ALA B 287 39.13 -18.79 -1.02
N GLU B 288 39.84 -19.36 -2.00
CA GLU B 288 40.19 -18.61 -3.22
C GLU B 288 38.98 -18.42 -4.14
N LYS B 289 38.05 -19.36 -4.08
CA LYS B 289 36.81 -19.25 -4.85
C LYS B 289 35.84 -18.24 -4.22
N VAL B 290 35.85 -18.16 -2.89
CA VAL B 290 35.12 -17.12 -2.14
C VAL B 290 35.66 -15.73 -2.50
N ALA B 291 36.98 -15.58 -2.51
CA ALA B 291 37.63 -14.34 -2.97
C ALA B 291 37.20 -13.94 -4.38
N GLU B 292 37.26 -14.89 -5.31
CA GLU B 292 36.90 -14.60 -6.71
C GLU B 292 35.42 -14.22 -6.86
N PHE B 293 34.57 -14.92 -6.11
CA PHE B 293 33.15 -14.57 -6.02
C PHE B 293 32.99 -13.11 -5.62
N LYS B 294 33.67 -12.70 -4.54
CA LYS B 294 33.57 -11.34 -4.03
C LYS B 294 34.06 -10.31 -5.03
N ALA B 295 35.04 -10.71 -5.84
CA ALA B 295 35.57 -9.84 -6.89
C ALA B 295 34.58 -9.64 -8.04
N ASN B 296 33.68 -10.59 -8.24
CA ASN B 296 32.82 -10.59 -9.42
C ASN B 296 31.31 -10.38 -9.17
N TYR B 297 30.88 -10.48 -7.91
CA TYR B 297 29.47 -10.42 -7.55
C TYR B 297 28.97 -8.98 -7.48
N GLY B 298 27.71 -8.76 -7.85
CA GLY B 298 27.12 -7.44 -7.78
C GLY B 298 27.55 -6.51 -8.90
N SER B 299 27.93 -7.10 -10.04
CA SER B 299 28.34 -6.33 -11.20
C SER B 299 27.45 -6.64 -12.40
N THR B 300 27.05 -5.58 -13.10
CA THR B 300 26.22 -5.71 -14.30
C THR B 300 27.03 -6.18 -15.52
N ASP B 301 28.35 -6.17 -15.42
CA ASP B 301 29.23 -6.66 -16.48
C ASP B 301 28.96 -8.14 -16.77
N PRO B 302 28.56 -8.46 -18.02
CA PRO B 302 28.20 -9.81 -18.44
C PRO B 302 29.27 -10.86 -18.15
N ALA B 303 30.54 -10.47 -18.28
CA ALA B 303 31.67 -11.37 -18.00
C ALA B 303 31.76 -11.71 -16.51
N ALA B 304 31.48 -10.74 -15.65
CA ALA B 304 31.48 -10.92 -14.20
C ALA B 304 30.33 -11.85 -13.78
N VAL B 305 29.16 -11.64 -14.39
CA VAL B 305 28.00 -12.51 -14.15
C VAL B 305 28.33 -13.95 -14.57
N ALA B 306 28.97 -14.09 -15.73
CA ALA B 306 29.35 -15.41 -16.25
C ALA B 306 30.35 -16.13 -15.35
N VAL B 307 31.26 -15.37 -14.74
CA VAL B 307 32.21 -15.92 -13.75
C VAL B 307 31.48 -16.49 -12.53
N ILE B 308 30.48 -15.75 -12.02
CA ILE B 308 29.69 -16.19 -10.87
C ILE B 308 28.92 -17.48 -11.18
N LYS B 309 28.27 -17.54 -12.35
CA LYS B 309 27.50 -18.72 -12.74
C LYS B 309 28.40 -19.95 -12.89
N GLN B 310 29.59 -19.75 -13.46
CA GLN B 310 30.58 -20.82 -13.58
C GLN B 310 31.12 -21.29 -12.22
N LEU B 311 31.36 -20.35 -11.31
CA LEU B 311 31.76 -20.67 -9.94
C LEU B 311 30.69 -21.48 -9.21
N TYR B 312 29.42 -21.11 -9.41
CA TYR B 312 28.30 -21.85 -8.84
C TYR B 312 28.26 -23.29 -9.36
N THR B 313 28.43 -23.44 -10.68
CA THR B 313 28.44 -24.76 -11.32
C THR B 313 29.59 -25.62 -10.77
N GLU B 314 30.78 -25.02 -10.68
CA GLU B 314 31.96 -25.70 -10.14
C GLU B 314 31.78 -26.14 -8.70
N GLN B 315 31.04 -25.35 -7.92
CA GLN B 315 30.76 -25.66 -6.51
C GLN B 315 29.57 -26.61 -6.34
N ASN B 316 29.04 -27.09 -7.47
CA ASN B 316 27.95 -28.06 -7.52
C ASN B 316 26.68 -27.59 -6.81
N LEU B 317 26.33 -26.31 -6.97
CA LEU B 317 25.19 -25.75 -6.23
C LEU B 317 23.88 -26.45 -6.55
N LEU B 318 23.69 -26.88 -7.80
CA LEU B 318 22.48 -27.61 -8.16
C LEU B 318 22.36 -28.93 -7.40
N ALA B 319 23.48 -29.66 -7.28
CA ALA B 319 23.53 -30.88 -6.48
C ALA B 319 23.28 -30.59 -4.99
N ARG B 320 23.84 -29.50 -4.50
CA ARG B 320 23.62 -29.08 -3.11
C ARG B 320 22.15 -28.72 -2.86
N PHE B 321 21.49 -28.13 -3.86
CA PHE B 321 20.05 -27.89 -3.79
C PHE B 321 19.28 -29.20 -3.68
N GLU B 322 19.66 -30.18 -4.49
CA GLU B 322 19.00 -31.48 -4.49
C GLU B 322 19.08 -32.18 -3.13
N GLU B 323 20.20 -31.99 -2.43
CA GLU B 323 20.40 -32.48 -1.07
C GLU B 323 19.48 -31.76 -0.07
N TYR B 324 19.43 -30.44 -0.19
CA TYR B 324 18.50 -29.61 0.59
C TYR B 324 17.06 -30.08 0.36
N GLU B 325 16.71 -30.27 -0.91
CA GLU B 325 15.37 -30.69 -1.32
C GLU B 325 14.98 -32.04 -0.71
N LYS B 326 15.94 -32.96 -0.68
CA LYS B 326 15.74 -34.26 -0.05
C LYS B 326 15.44 -34.11 1.44
N ALA B 327 16.20 -33.23 2.11
CA ALA B 327 15.95 -32.92 3.52
C ALA B 327 14.57 -32.29 3.75
N VAL B 328 14.18 -31.40 2.83
CA VAL B 328 12.87 -30.72 2.93
C VAL B 328 11.72 -31.72 2.78
N VAL B 329 11.75 -32.56 1.74
CA VAL B 329 10.70 -33.56 1.55
C VAL B 329 10.53 -34.45 2.78
N ALA B 330 11.66 -34.89 3.35
CA ALA B 330 11.66 -35.70 4.58
C ALA B 330 10.89 -35.00 5.69
N GLU B 331 11.21 -33.73 5.95
CA GLU B 331 10.52 -32.96 6.99
C GLU B 331 9.05 -32.74 6.68
N VAL B 332 8.75 -32.27 5.46
CA VAL B 332 7.37 -32.00 5.02
C VAL B 332 6.48 -33.24 5.18
N GLU B 333 6.95 -34.39 4.70
CA GLU B 333 6.18 -35.62 4.79
C GLU B 333 5.89 -36.02 6.25
N GLN B 334 6.87 -35.83 7.13
CA GLN B 334 6.69 -36.05 8.56
C GLN B 334 5.61 -35.13 9.15
N LEU B 335 5.72 -33.83 8.85
CA LEU B 335 4.76 -32.83 9.32
C LEU B 335 3.34 -33.10 8.79
N ILE B 336 3.24 -33.50 7.52
CA ILE B 336 1.95 -33.86 6.92
C ILE B 336 1.37 -35.10 7.60
N ALA B 337 2.22 -36.10 7.83
CA ALA B 337 1.79 -37.33 8.50
C ALA B 337 1.22 -37.01 9.90
N ALA B 338 1.88 -36.10 10.61
CA ALA B 338 1.39 -35.63 11.90
C ALA B 338 0.03 -34.93 11.79
N LEU B 339 -0.11 -34.05 10.79
CA LEU B 339 -1.38 -33.37 10.54
C LEU B 339 -2.48 -34.36 10.19
N GLU B 340 -2.13 -35.37 9.38
CA GLU B 340 -3.08 -36.40 8.95
C GLU B 340 -3.66 -37.16 10.13
N ALA B 341 -2.84 -37.41 11.15
CA ALA B 341 -3.26 -38.08 12.38
C ALA B 341 -4.31 -37.26 13.18
N GLN B 342 -4.41 -35.97 12.87
CA GLN B 342 -5.29 -35.05 13.59
C GLN B 342 -6.51 -34.66 12.77
N ASN B 343 -6.26 -34.27 11.53
CA ASN B 343 -7.32 -33.89 10.60
C ASN B 343 -6.91 -34.32 9.19
N ALA B 344 -7.42 -35.47 8.76
CA ALA B 344 -7.03 -36.05 7.48
C ALA B 344 -7.49 -35.21 6.27
N ALA B 345 -8.64 -34.56 6.38
CA ALA B 345 -9.14 -33.69 5.30
C ALA B 345 -8.23 -32.49 5.06
N PHE B 346 -7.82 -31.83 6.15
CA PHE B 346 -6.87 -30.72 6.02
C PHE B 346 -5.53 -31.18 5.50
N ALA B 347 -5.01 -32.27 6.06
CA ALA B 347 -3.72 -32.81 5.65
C ALA B 347 -3.67 -33.13 4.15
N ALA B 348 -4.79 -33.64 3.61
CA ALA B 348 -4.90 -33.89 2.17
C ALA B 348 -4.73 -32.59 1.38
N SER B 349 -5.30 -31.50 1.88
CA SER B 349 -5.23 -30.22 1.18
C SER B 349 -3.80 -29.63 1.26
N VAL B 350 -3.08 -29.91 2.36
CA VAL B 350 -1.67 -29.55 2.44
C VAL B 350 -0.86 -30.36 1.42
N LYS B 351 -1.16 -31.66 1.28
CA LYS B 351 -0.51 -32.51 0.26
C LYS B 351 -0.63 -31.92 -1.16
N VAL B 352 -1.83 -31.42 -1.49
CA VAL B 352 -2.13 -30.83 -2.81
C VAL B 352 -1.23 -29.61 -3.06
N LEU B 353 -1.13 -28.75 -2.06
CA LEU B 353 -0.27 -27.57 -2.15
C LEU B 353 1.20 -27.98 -2.29
N TRP B 354 1.64 -28.95 -1.48
CA TRP B 354 3.01 -29.44 -1.55
C TRP B 354 3.34 -30.07 -2.92
N SER B 355 2.36 -30.79 -3.48
CA SER B 355 2.55 -31.46 -4.76
C SER B 355 2.77 -30.47 -5.91
N LYS B 356 2.15 -29.30 -5.83
CA LYS B 356 2.36 -28.24 -6.82
C LYS B 356 3.70 -27.52 -6.60
N THR B 357 4.28 -27.73 -5.42
CA THR B 357 5.49 -27.03 -5.02
C THR B 357 6.75 -27.86 -5.31
N TYR B 358 6.76 -29.07 -4.77
CA TYR B 358 7.88 -30.01 -4.90
C TYR B 358 8.33 -30.20 -6.35
N LYS B 359 9.61 -29.94 -6.59
CA LYS B 359 10.25 -30.15 -7.90
C LYS B 359 9.64 -29.36 -9.08
N ARG B 360 8.96 -28.25 -8.77
CA ARG B 360 8.40 -27.40 -9.81
C ARG B 360 9.51 -26.83 -10.71
N GLN B 361 9.15 -26.49 -11.95
CA GLN B 361 10.12 -26.03 -12.95
C GLN B 361 9.98 -24.54 -13.30
N LYS B 362 8.94 -23.91 -12.74
CA LYS B 362 8.72 -22.46 -12.91
C LYS B 362 7.77 -21.92 -11.84
CA CA C . 3.31 16.22 -4.16
CA CA D . 1.17 14.56 -6.29
CA CA E . 0.33 20.54 -3.84
C1 IPE F . -0.68 17.76 2.50
O1 IPE F . -1.47 17.69 3.69
C2 IPE F . -1.37 17.02 1.36
C3 IPE F . -2.74 17.59 1.04
C4 IPE F . -2.88 18.84 0.61
C5 IPE F . -3.95 16.73 1.18
PA IPE F . -1.18 18.66 4.93
O1A IPE F . -2.26 18.38 5.96
O2A IPE F . -1.01 20.08 4.43
O3A IPE F . 0.28 18.15 5.42
PB IPE F . 0.84 17.93 6.93
O1B IPE F . 0.20 18.97 7.83
O2B IPE F . 0.41 16.51 7.22
O3B IPE F . 2.32 18.12 6.71
C7 P2H G . 0.11 15.72 -1.74
C8 P2H G . 0.09 17.12 -2.37
P9 P2H G . -0.11 17.07 -4.19
O10 P2H G . 1.07 16.38 -4.81
O11 P2H G . -0.25 18.51 -4.60
N12 P2H G . -1.08 14.85 -1.87
O12 P2H G . -1.39 16.32 -4.45
C13 P2H G . -2.34 15.32 -1.69
O13 P2H G . -1.03 17.89 -1.84
C14 P2H G . -3.43 14.48 -1.81
P14 P2H G . 1.63 17.92 -1.79
C15 P2H G . -3.24 13.12 -2.10
O15 P2H G . 1.62 19.31 -2.36
C16 P2H G . -1.93 12.64 -2.27
O16 P2H G . 2.75 17.05 -2.31
C17 P2H G . -0.87 13.55 -2.14
O17 P2H G . 1.55 17.90 -0.27
C18 P2H G . -1.67 11.20 -2.58
C19 P2H G . -2.58 10.22 -2.21
C20 P2H G . -2.34 8.88 -2.50
C21 P2H G . -1.17 8.49 -3.17
C22 P2H G . -0.25 9.48 -3.56
C23 P2H G . -0.52 10.82 -3.27
NA NA H . 6.54 26.10 -9.44
C1 IPE I . 6.68 -15.02 -7.44
O1 IPE I . 5.64 -15.91 -7.06
C2 IPE I . 7.26 -14.35 -6.19
C3 IPE I . 7.76 -15.36 -5.17
C4 IPE I . 8.76 -16.18 -5.44
C5 IPE I . 7.12 -15.39 -3.82
PA IPE I . 5.05 -17.01 -8.07
O1A IPE I . 3.96 -17.75 -7.34
O2A IPE I . 6.19 -17.79 -8.68
O3A IPE I . 4.45 -16.03 -9.23
PB IPE I . 3.09 -16.19 -10.10
O1B IPE I . 2.81 -17.68 -10.24
O2B IPE I . 2.09 -15.44 -9.26
O3B IPE I . 3.45 -15.52 -11.40
C7 P2H J . 9.49 -11.36 -5.94
C8 P2H J . 10.70 -12.20 -6.33
P9 P2H J . 12.25 -11.53 -5.60
O10 P2H J . 12.51 -10.17 -6.18
O11 P2H J . 13.28 -12.55 -5.98
N12 P2H J . 9.08 -11.26 -4.53
O12 P2H J . 12.01 -11.48 -4.11
C13 P2H J . 9.05 -12.33 -3.71
O13 P2H J . 10.56 -13.56 -5.85
C14 P2H J . 8.65 -12.19 -2.38
P14 P2H J . 10.71 -12.27 -8.16
C15 P2H J . 8.26 -10.94 -1.90
O15 P2H J . 11.89 -13.11 -8.57
C16 P2H J . 8.29 -9.85 -2.77
O16 P2H J . 10.78 -10.85 -8.62
C17 P2H J . 8.70 -10.05 -4.09
O17 P2H J . 9.39 -12.92 -8.51
C18 P2H J . 7.86 -8.49 -2.32
C19 P2H J . 6.99 -8.34 -1.24
C20 P2H J . 6.57 -7.07 -0.83
C21 P2H J . 7.00 -5.95 -1.51
C22 P2H J . 7.87 -6.07 -2.60
C23 P2H J . 8.30 -7.35 -3.00
CA CA K . 12.01 -9.24 -8.25
CA CA L . 13.65 -14.12 -7.55
CA CA M . 12.93 -8.10 -5.06
NA NA N . 21.88 -12.84 -13.56
#